data_6L5N
#
_entry.id   6L5N
#
_cell.length_a   72.360
_cell.length_b   89.230
_cell.length_c   79.690
_cell.angle_alpha   90.000
_cell.angle_beta   115.600
_cell.angle_gamma   90.000
#
_symmetry.space_group_name_H-M   'P 1 21 1'
#
loop_
_entity.id
_entity.type
_entity.pdbx_description
1 polymer 'Nucleolar RNA helicase 2'
2 polymer poly(U)-15mer
3 non-polymer 'PHOSPHOAMINOPHOSPHONIC ACID-ADENYLATE ESTER'
4 non-polymer 'MAGNESIUM ION'
5 water water
#
loop_
_entity_poly.entity_id
_entity_poly.type
_entity_poly.pdbx_seq_one_letter_code
_entity_poly.pdbx_strand_id
1 'polypeptide(L)'
;SFSNFPISEETIKLLKGRGVTFLFPIQAKTFHHVYSGKDLIAQARTGTGKTFSFAIPLIEKLHGELQDRKRGRAPQVLVL
APTRELANQVSKDFSDITKKLSVACFYGGTPYGGQFER(MSE)RNGIDILVGTPGRIKDHIQNGKLDLTKLKHVVLDEVD
Q(MSE)LD(MSE)GFADQVEEILSVAYKKDSEDNPQTLLFSATCPHWVFNVAKKY(MSE)KSTYEQVDLIGKKTQKTAIT
VEHLAIKCHWTQRAAVIGDVIRVYSGHQGRTIIFCETKKEAQELSQNSAIKQDAQSLHGDIPQKQREITLKGFRNGSFGV
LVATNVAARGLDIPEVDLVIQSSPPKDVESYIHRSGRTGRAGRTGVCICFYQHKEEYQLVQVEQKAGIKFKRI
;
A,B
2 'polyribonucleotide' UUUUUUUUUUUUUUU C,D
#
# COMPACT_ATOMS: atom_id res chain seq x y z
N SER A 1 -29.88 0.08 -11.10
CA SER A 1 -30.03 -1.34 -11.37
C SER A 1 -29.07 -1.80 -12.47
N PHE A 2 -28.82 -3.10 -12.53
CA PHE A 2 -27.95 -3.72 -13.53
C PHE A 2 -28.70 -4.72 -14.40
N SER A 3 -30.03 -4.60 -14.47
CA SER A 3 -30.87 -5.67 -14.97
C SER A 3 -30.63 -5.98 -16.45
N ASN A 4 -30.12 -5.02 -17.22
CA ASN A 4 -29.83 -5.29 -18.63
C ASN A 4 -28.48 -5.98 -18.84
N PHE A 5 -27.74 -6.31 -17.79
CA PHE A 5 -26.40 -6.83 -18.05
C PHE A 5 -26.14 -8.05 -17.21
N PRO A 6 -25.38 -9.00 -17.73
CA PRO A 6 -25.08 -10.24 -16.98
C PRO A 6 -23.98 -10.07 -15.94
N ILE A 7 -24.28 -9.30 -14.90
CA ILE A 7 -23.37 -9.09 -13.79
C ILE A 7 -23.90 -9.88 -12.60
N SER A 8 -23.04 -10.70 -11.99
CA SER A 8 -23.49 -11.55 -10.89
C SER A 8 -23.80 -10.71 -9.64
N GLU A 9 -24.52 -11.36 -8.71
N GLU A 9 -24.53 -11.31 -8.69
CA GLU A 9 -24.86 -10.75 -7.43
CA GLU A 9 -24.81 -10.57 -7.46
C GLU A 9 -23.59 -10.44 -6.63
C GLU A 9 -23.54 -10.39 -6.63
N GLU A 10 -22.59 -11.32 -6.73
CA GLU A 10 -21.35 -11.12 -6.02
C GLU A 10 -20.57 -9.94 -6.58
N THR A 11 -20.61 -9.74 -7.91
CA THR A 11 -19.94 -8.56 -8.46
C THR A 11 -20.71 -7.30 -8.13
N ILE A 12 -22.05 -7.37 -8.10
CA ILE A 12 -22.85 -6.21 -7.74
C ILE A 12 -22.54 -5.76 -6.33
N LYS A 13 -22.33 -6.71 -5.42
CA LYS A 13 -22.01 -6.35 -4.05
C LYS A 13 -20.65 -5.67 -3.96
N LEU A 14 -19.65 -6.23 -4.65
CA LEU A 14 -18.34 -5.58 -4.68
C LEU A 14 -18.41 -4.21 -5.34
N LEU A 15 -19.18 -4.09 -6.42
CA LEU A 15 -19.27 -2.78 -7.08
C LEU A 15 -19.91 -1.74 -6.17
N LYS A 16 -20.83 -2.17 -5.28
CA LYS A 16 -21.43 -1.24 -4.33
C LYS A 16 -20.38 -0.67 -3.38
N GLY A 17 -19.39 -1.49 -2.98
CA GLY A 17 -18.30 -0.94 -2.18
C GLY A 17 -17.52 0.16 -2.86
N ARG A 18 -17.57 0.22 -4.20
CA ARG A 18 -16.92 1.28 -4.95
C ARG A 18 -17.88 2.39 -5.34
N GLY A 19 -19.10 2.37 -4.83
CA GLY A 19 -20.06 3.40 -5.21
C GLY A 19 -20.67 3.22 -6.58
N VAL A 20 -20.68 2.02 -7.13
CA VAL A 20 -21.25 1.78 -8.46
C VAL A 20 -22.54 0.98 -8.29
N THR A 21 -23.66 1.60 -8.66
CA THR A 21 -24.96 0.96 -8.55
C THR A 21 -25.69 0.87 -9.88
N PHE A 22 -25.14 1.45 -10.95
CA PHE A 22 -25.69 1.36 -12.30
C PHE A 22 -24.56 1.69 -13.27
N LEU A 23 -24.70 1.26 -14.52
CA LEU A 23 -23.65 1.52 -15.49
C LEU A 23 -23.79 2.93 -16.08
N PHE A 24 -22.65 3.62 -16.21
CA PHE A 24 -22.61 4.88 -16.95
C PHE A 24 -22.80 4.60 -18.44
N PRO A 25 -23.13 5.64 -19.24
CA PRO A 25 -23.33 5.42 -20.68
C PRO A 25 -22.23 4.65 -21.42
N ILE A 26 -20.95 5.02 -21.25
CA ILE A 26 -19.90 4.30 -21.99
C ILE A 26 -19.88 2.84 -21.57
N GLN A 27 -20.19 2.55 -20.30
CA GLN A 27 -20.22 1.15 -19.86
C GLN A 27 -21.42 0.42 -20.45
N ALA A 28 -22.59 1.08 -20.47
CA ALA A 28 -23.80 0.45 -21.02
C ALA A 28 -23.64 0.17 -22.51
N LYS A 29 -22.98 1.07 -23.24
CA LYS A 29 -22.84 0.96 -24.69
C LYS A 29 -21.78 -0.04 -25.12
N THR A 30 -20.88 -0.44 -24.23
CA THR A 30 -19.80 -1.33 -24.60
C THR A 30 -19.90 -2.70 -23.97
N PHE A 31 -20.81 -2.89 -23.00
CA PHE A 31 -20.74 -4.08 -22.17
C PHE A 31 -20.84 -5.37 -23.00
N HIS A 32 -21.89 -5.48 -23.83
N HIS A 32 -21.86 -5.47 -23.85
CA HIS A 32 -22.05 -6.72 -24.60
CA HIS A 32 -22.07 -6.71 -24.60
C HIS A 32 -20.93 -6.91 -25.61
C HIS A 32 -21.01 -6.91 -25.67
N HIS A 33 -20.45 -5.82 -26.23
CA HIS A 33 -19.32 -5.95 -27.15
C HIS A 33 -18.13 -6.62 -26.47
N VAL A 34 -17.78 -6.16 -25.27
CA VAL A 34 -16.64 -6.75 -24.57
C VAL A 34 -16.95 -8.15 -24.09
N TYR A 35 -18.12 -8.33 -23.45
CA TYR A 35 -18.46 -9.61 -22.83
C TYR A 35 -18.51 -10.73 -23.86
N SER A 36 -18.99 -10.44 -25.06
CA SER A 36 -19.20 -11.47 -26.08
C SER A 36 -17.96 -11.76 -26.90
N GLY A 37 -16.87 -11.00 -26.72
CA GLY A 37 -15.59 -11.34 -27.32
C GLY A 37 -15.21 -10.51 -28.53
N LYS A 38 -15.99 -9.52 -28.91
CA LYS A 38 -15.67 -8.78 -30.12
C LYS A 38 -14.57 -7.75 -29.85
N ASP A 39 -13.82 -7.43 -30.88
CA ASP A 39 -12.86 -6.34 -30.78
C ASP A 39 -13.60 -5.00 -30.69
N LEU A 40 -12.97 -4.02 -30.06
CA LEU A 40 -13.61 -2.75 -29.75
C LEU A 40 -12.60 -1.62 -29.72
N ILE A 41 -12.95 -0.51 -30.35
CA ILE A 41 -12.29 0.77 -30.13
C ILE A 41 -13.37 1.73 -29.64
N ALA A 42 -13.10 2.40 -28.51
CA ALA A 42 -14.11 3.22 -27.88
C ALA A 42 -13.51 4.55 -27.47
N GLN A 43 -14.25 5.62 -27.78
CA GLN A 43 -13.87 6.98 -27.45
C GLN A 43 -14.96 7.58 -26.59
N ALA A 44 -14.58 8.10 -25.41
CA ALA A 44 -15.48 8.83 -24.53
C ALA A 44 -14.66 9.83 -23.74
N ARG A 45 -15.32 10.91 -23.32
CA ARG A 45 -14.61 12.02 -22.69
C ARG A 45 -13.92 11.58 -21.39
N THR A 46 -12.96 12.38 -20.95
CA THR A 46 -12.34 12.13 -19.66
C THR A 46 -13.37 12.05 -18.55
N GLY A 47 -13.16 11.13 -17.63
CA GLY A 47 -14.01 11.08 -16.46
C GLY A 47 -15.37 10.46 -16.66
N THR A 48 -15.60 9.76 -17.76
CA THR A 48 -16.92 9.17 -18.01
C THR A 48 -17.00 7.68 -17.70
N GLY A 49 -15.90 7.05 -17.31
CA GLY A 49 -15.96 5.68 -16.79
C GLY A 49 -15.45 4.61 -17.73
N LYS A 50 -14.48 4.91 -18.56
CA LYS A 50 -13.89 3.90 -19.44
C LYS A 50 -13.27 2.72 -18.69
N THR A 51 -12.67 2.93 -17.51
CA THR A 51 -11.96 1.81 -16.87
C THR A 51 -12.91 0.63 -16.62
N PHE A 52 -14.01 0.86 -15.91
CA PHE A 52 -14.98 -0.21 -15.71
C PHE A 52 -15.67 -0.64 -17.01
N SER A 53 -15.59 0.18 -18.09
CA SER A 53 -16.12 -0.23 -19.39
C SER A 53 -15.48 -1.53 -19.86
N PHE A 54 -14.18 -1.72 -19.59
CA PHE A 54 -13.59 -3.01 -19.90
C PHE A 54 -13.49 -3.91 -18.69
N ALA A 55 -13.26 -3.38 -17.49
CA ALA A 55 -12.96 -4.26 -16.35
C ALA A 55 -14.17 -5.13 -15.97
N ILE A 56 -15.36 -4.55 -15.84
CA ILE A 56 -16.52 -5.34 -15.40
C ILE A 56 -16.86 -6.46 -16.38
N PRO A 57 -17.11 -6.20 -17.67
CA PRO A 57 -17.39 -7.35 -18.56
C PRO A 57 -16.23 -8.33 -18.70
N LEU A 58 -14.98 -7.90 -18.56
CA LEU A 58 -13.93 -8.90 -18.62
C LEU A 58 -13.96 -9.77 -17.38
N ILE A 59 -14.25 -9.16 -16.23
CA ILE A 59 -14.31 -9.97 -15.02
C ILE A 59 -15.49 -10.94 -15.08
N GLU A 60 -16.65 -10.45 -15.52
CA GLU A 60 -17.80 -11.35 -15.65
C GLU A 60 -17.53 -12.48 -16.63
N LYS A 61 -16.86 -12.19 -17.75
CA LYS A 61 -16.52 -13.24 -18.71
C LYS A 61 -15.59 -14.27 -18.09
N LEU A 62 -14.51 -13.81 -17.43
CA LEU A 62 -13.55 -14.74 -16.85
C LEU A 62 -14.15 -15.52 -15.68
N HIS A 63 -15.04 -14.91 -14.90
CA HIS A 63 -15.69 -15.63 -13.81
C HIS A 63 -16.55 -16.79 -14.32
N GLY A 64 -17.05 -16.67 -15.54
CA GLY A 64 -17.92 -17.67 -16.17
C GLY A 64 -17.20 -18.78 -16.90
N GLU A 65 -15.88 -18.79 -16.88
CA GLU A 65 -15.04 -19.83 -17.51
C GLU A 65 -14.48 -20.76 -16.45
N LEU A 66 -13.79 -21.81 -16.86
CA LEU A 66 -13.33 -22.85 -15.93
C LEU A 66 -12.43 -22.37 -14.78
N GLN A 67 -11.37 -21.61 -15.01
CA GLN A 67 -10.52 -21.09 -13.89
C GLN A 67 -10.00 -22.16 -12.90
N ASP A 68 -9.10 -23.05 -13.31
CA ASP A 68 -8.57 -24.06 -12.34
C ASP A 68 -7.48 -23.53 -11.41
N ARG A 69 -7.01 -22.30 -11.60
CA ARG A 69 -6.03 -21.68 -10.66
C ARG A 69 -4.78 -22.53 -10.42
N LYS A 70 -4.19 -23.12 -11.45
CA LYS A 70 -2.95 -23.87 -11.19
C LYS A 70 -1.80 -22.88 -10.92
N ARG A 71 -0.85 -23.28 -10.10
CA ARG A 71 0.31 -22.44 -9.75
C ARG A 71 1.15 -22.16 -10.99
N GLY A 72 1.63 -20.93 -11.11
CA GLY A 72 2.53 -20.50 -12.20
C GLY A 72 1.83 -20.27 -13.52
N ARG A 73 0.52 -20.27 -13.53
CA ARG A 73 -0.31 -20.09 -14.75
C ARG A 73 -0.06 -18.73 -15.39
N ALA A 74 -0.18 -18.73 -16.71
CA ALA A 74 0.00 -17.57 -17.58
C ALA A 74 -1.24 -16.66 -17.55
N PRO A 75 -1.02 -15.35 -17.72
CA PRO A 75 -2.16 -14.40 -17.73
C PRO A 75 -3.13 -14.65 -18.88
N GLN A 76 -4.41 -14.41 -18.59
CA GLN A 76 -5.44 -14.43 -19.62
C GLN A 76 -5.77 -13.05 -20.16
N VAL A 77 -5.53 -12.00 -19.40
CA VAL A 77 -5.81 -10.62 -19.79
C VAL A 77 -4.54 -9.81 -19.60
N LEU A 78 -4.24 -8.95 -20.56
CA LEU A 78 -3.15 -7.98 -20.44
C LEU A 78 -3.74 -6.59 -20.55
N VAL A 79 -3.39 -5.72 -19.60
CA VAL A 79 -3.74 -4.30 -19.68
C VAL A 79 -2.47 -3.49 -19.66
N LEU A 80 -2.31 -2.63 -20.64
CA LEU A 80 -1.20 -1.71 -20.73
C LEU A 80 -1.70 -0.28 -20.51
N ALA A 81 -0.97 0.50 -19.74
CA ALA A 81 -1.20 1.92 -19.50
C ALA A 81 0.11 2.69 -19.69
N PRO A 82 0.03 4.01 -19.90
CA PRO A 82 1.27 4.80 -20.16
C PRO A 82 2.08 5.24 -18.92
N THR A 83 1.57 5.17 -17.70
CA THR A 83 2.38 5.57 -16.55
C THR A 83 2.18 4.56 -15.44
N ARG A 84 3.14 4.57 -14.50
CA ARG A 84 3.16 3.61 -13.40
C ARG A 84 1.96 3.80 -12.48
N GLU A 85 1.64 5.05 -12.16
CA GLU A 85 0.54 5.29 -11.23
C GLU A 85 -0.80 4.99 -11.88
N LEU A 86 -0.93 5.20 -13.19
CA LEU A 86 -2.18 4.86 -13.86
C LEU A 86 -2.39 3.35 -13.85
N ALA A 87 -1.31 2.59 -14.13
CA ALA A 87 -1.38 1.13 -14.10
C ALA A 87 -1.83 0.63 -12.74
N ASN A 88 -1.22 1.17 -11.68
CA ASN A 88 -1.63 0.85 -10.32
C ASN A 88 -3.10 1.15 -10.11
N GLN A 89 -3.56 2.32 -10.56
CA GLN A 89 -4.96 2.70 -10.35
C GLN A 89 -5.90 1.78 -11.13
N VAL A 90 -5.59 1.49 -12.40
CA VAL A 90 -6.39 0.57 -13.21
C VAL A 90 -6.40 -0.83 -12.60
N SER A 91 -5.26 -1.28 -12.09
CA SER A 91 -5.15 -2.56 -11.38
C SER A 91 -6.27 -2.75 -10.34
N LYS A 92 -6.53 -1.71 -9.54
CA LYS A 92 -7.51 -1.82 -8.47
C LYS A 92 -8.94 -1.92 -8.98
N ASP A 93 -9.24 -1.41 -10.19
CA ASP A 93 -10.59 -1.63 -10.73
C ASP A 93 -10.81 -3.06 -11.23
N PHE A 94 -9.76 -3.85 -11.37
CA PHE A 94 -9.98 -5.28 -11.44
C PHE A 94 -10.03 -5.86 -10.03
N SER A 95 -9.00 -5.56 -9.23
CA SER A 95 -8.79 -6.27 -7.98
C SER A 95 -9.96 -6.05 -7.02
N ASP A 96 -10.46 -4.82 -6.94
CA ASP A 96 -11.57 -4.54 -6.05
C ASP A 96 -12.83 -5.36 -6.37
N ILE A 97 -13.00 -5.83 -7.61
CA ILE A 97 -14.29 -6.42 -7.95
C ILE A 97 -14.19 -7.90 -8.33
N THR A 98 -13.12 -8.57 -7.89
CA THR A 98 -13.06 -10.02 -7.98
C THR A 98 -12.40 -10.57 -6.73
N LYS A 99 -12.97 -11.64 -6.17
CA LYS A 99 -12.31 -12.40 -5.11
C LYS A 99 -11.51 -13.57 -5.64
N LYS A 100 -11.79 -13.99 -6.87
CA LYS A 100 -11.29 -15.24 -7.42
C LYS A 100 -10.03 -15.05 -8.26
N LEU A 101 -10.02 -14.02 -9.10
CA LEU A 101 -8.96 -13.87 -10.07
C LEU A 101 -7.74 -13.21 -9.44
N SER A 102 -6.57 -13.75 -9.74
CA SER A 102 -5.33 -13.18 -9.28
C SER A 102 -4.95 -12.03 -10.21
N VAL A 103 -4.88 -10.82 -9.67
CA VAL A 103 -4.56 -9.61 -10.42
C VAL A 103 -3.15 -9.17 -10.04
N ALA A 104 -2.29 -8.96 -11.04
CA ALA A 104 -0.94 -8.47 -10.83
C ALA A 104 -0.73 -7.19 -11.60
N CYS A 105 0.17 -6.35 -11.08
CA CYS A 105 0.49 -5.04 -11.62
C CYS A 105 2.01 -4.91 -11.66
N PHE A 106 2.61 -4.89 -12.86
CA PHE A 106 4.06 -4.83 -13.03
C PHE A 106 4.46 -3.53 -13.69
N TYR A 107 5.35 -2.76 -13.04
CA TYR A 107 5.90 -1.54 -13.66
C TYR A 107 7.25 -1.26 -13.04
N GLY A 108 7.94 -0.23 -13.57
CA GLY A 108 9.33 0.00 -13.23
C GLY A 108 9.49 0.74 -11.92
N GLY A 109 10.74 0.80 -11.46
CA GLY A 109 11.02 1.47 -10.20
C GLY A 109 10.56 0.73 -8.98
N THR A 110 10.15 -0.50 -9.14
CA THR A 110 9.62 -1.49 -8.22
C THR A 110 10.62 -2.65 -8.07
N PRO A 111 10.71 -3.29 -6.90
CA PRO A 111 11.54 -4.50 -6.80
C PRO A 111 11.01 -5.60 -7.71
N TYR A 112 11.95 -6.44 -8.18
CA TYR A 112 11.59 -7.58 -9.02
C TYR A 112 11.01 -8.74 -8.23
N GLY A 113 11.55 -8.98 -7.04
CA GLY A 113 11.16 -10.09 -6.16
C GLY A 113 9.68 -10.36 -6.08
N GLY A 114 8.90 -9.35 -5.74
CA GLY A 114 7.45 -9.50 -5.64
C GLY A 114 6.84 -9.89 -6.97
N GLN A 115 7.34 -9.33 -8.07
CA GLN A 115 6.86 -9.65 -9.42
C GLN A 115 7.14 -11.11 -9.76
N PHE A 116 8.33 -11.61 -9.44
CA PHE A 116 8.65 -13.03 -9.68
C PHE A 116 7.73 -13.91 -8.85
N GLU A 117 7.46 -13.53 -7.62
CA GLU A 117 6.61 -14.38 -6.77
C GLU A 117 5.21 -14.48 -7.36
N ARG A 118 4.67 -13.38 -7.87
CA ARG A 118 3.33 -13.42 -8.48
C ARG A 118 3.37 -14.31 -9.72
N ARG A 120 5.32 -16.89 -10.17
CA ARG A 120 5.35 -18.27 -9.64
C ARG A 120 3.97 -18.64 -9.10
N ASN A 121 3.30 -17.72 -8.43
CA ASN A 121 1.96 -18.02 -7.87
C ASN A 121 0.92 -18.25 -8.97
N GLY A 122 1.03 -17.52 -10.07
CA GLY A 122 0.07 -17.60 -11.16
C GLY A 122 -0.70 -16.30 -11.29
N ILE A 123 -0.86 -15.82 -12.50
CA ILE A 123 -1.56 -14.56 -12.82
C ILE A 123 -2.75 -14.84 -13.73
N ASP A 124 -3.88 -14.18 -13.47
CA ASP A 124 -5.08 -14.22 -14.32
C ASP A 124 -5.15 -12.92 -15.12
N ILE A 125 -4.94 -11.78 -14.47
CA ILE A 125 -5.00 -10.49 -15.14
C ILE A 125 -3.72 -9.74 -14.82
N LEU A 126 -2.99 -9.34 -15.86
CA LEU A 126 -1.77 -8.54 -15.74
C LEU A 126 -2.02 -7.13 -16.27
N VAL A 127 -1.84 -6.15 -15.39
CA VAL A 127 -1.86 -4.73 -15.73
C VAL A 127 -0.43 -4.23 -15.59
N GLY A 128 -0.01 -3.31 -16.46
CA GLY A 128 1.33 -2.80 -16.27
C GLY A 128 1.69 -1.76 -17.30
N THR A 129 2.98 -1.32 -17.24
CA THR A 129 3.59 -0.43 -18.21
C THR A 129 4.51 -1.24 -19.12
N PRO A 130 4.78 -0.76 -20.34
CA PRO A 130 5.48 -1.61 -21.32
C PRO A 130 6.89 -2.02 -20.91
N GLY A 131 7.68 -1.09 -20.40
CA GLY A 131 9.07 -1.41 -20.11
C GLY A 131 9.31 -2.63 -19.23
N ARG A 132 8.79 -2.60 -18.00
CA ARG A 132 9.03 -3.72 -17.10
C ARG A 132 8.42 -5.02 -17.61
N ILE A 133 7.28 -4.94 -18.30
CA ILE A 133 6.66 -6.13 -18.85
C ILE A 133 7.51 -6.70 -19.98
N LYS A 134 7.99 -5.86 -20.89
CA LYS A 134 8.93 -6.32 -21.90
C LYS A 134 10.13 -7.00 -21.25
N ASP A 135 10.63 -6.41 -20.15
CA ASP A 135 11.78 -6.96 -19.43
C ASP A 135 11.52 -8.40 -18.98
N HIS A 136 10.34 -8.66 -18.39
CA HIS A 136 10.02 -10.00 -17.91
C HIS A 136 9.84 -11.01 -19.05
N ILE A 137 9.32 -10.57 -20.20
CA ILE A 137 9.26 -11.45 -21.37
C ILE A 137 10.68 -11.83 -21.80
N GLN A 138 11.60 -10.87 -21.78
CA GLN A 138 12.91 -11.10 -22.37
C GLN A 138 13.83 -11.88 -21.42
N ASN A 139 13.62 -11.77 -20.11
CA ASN A 139 14.28 -12.63 -19.15
C ASN A 139 13.61 -14.00 -19.02
N GLY A 140 12.61 -14.29 -19.84
CA GLY A 140 12.01 -15.62 -19.84
C GLY A 140 11.04 -15.92 -18.71
N LYS A 141 10.70 -14.95 -17.86
CA LYS A 141 9.88 -15.26 -16.71
C LYS A 141 8.38 -15.20 -16.99
N LEU A 142 7.93 -14.49 -18.04
CA LEU A 142 6.51 -14.17 -18.27
C LEU A 142 6.04 -14.74 -19.57
N ASP A 143 4.89 -15.38 -19.54
CA ASP A 143 4.33 -16.04 -20.71
C ASP A 143 3.08 -15.29 -21.15
N LEU A 144 3.17 -14.56 -22.27
CA LEU A 144 2.01 -13.89 -22.85
C LEU A 144 1.47 -14.62 -24.08
N THR A 145 1.92 -15.85 -24.35
CA THR A 145 1.41 -16.59 -25.50
C THR A 145 -0.01 -17.10 -25.29
N LYS A 146 -0.53 -17.04 -24.07
CA LYS A 146 -1.87 -17.57 -23.78
C LYS A 146 -2.89 -16.47 -23.52
N LEU A 147 -2.57 -15.21 -23.85
CA LEU A 147 -3.51 -14.12 -23.69
C LEU A 147 -4.80 -14.35 -24.48
N LYS A 148 -5.93 -14.11 -23.84
CA LYS A 148 -7.22 -14.09 -24.51
C LYS A 148 -7.77 -12.69 -24.74
N HIS A 149 -7.19 -11.68 -24.07
CA HIS A 149 -7.75 -10.33 -24.05
C HIS A 149 -6.61 -9.34 -23.85
N VAL A 150 -6.60 -8.28 -24.66
CA VAL A 150 -5.57 -7.26 -24.55
C VAL A 150 -6.28 -5.92 -24.55
N VAL A 151 -6.06 -5.14 -23.49
CA VAL A 151 -6.57 -3.77 -23.34
C VAL A 151 -5.40 -2.80 -23.48
N LEU A 152 -5.54 -1.84 -24.35
CA LEU A 152 -4.64 -0.69 -24.39
C LEU A 152 -5.45 0.49 -23.89
N ASP A 153 -5.18 0.95 -22.67
CA ASP A 153 -5.83 2.15 -22.18
C ASP A 153 -5.00 3.32 -22.69
N GLU A 154 -5.61 4.49 -22.80
CA GLU A 154 -4.93 5.61 -23.44
C GLU A 154 -4.30 5.17 -24.78
N VAL A 155 -5.09 4.46 -25.59
CA VAL A 155 -4.58 3.78 -26.80
C VAL A 155 -3.80 4.73 -27.69
N ASP A 156 -4.21 6.01 -27.78
CA ASP A 156 -3.52 6.93 -28.68
C ASP A 156 -2.12 7.27 -28.20
N GLN A 157 -1.88 7.25 -26.88
CA GLN A 157 -0.49 7.38 -26.45
C GLN A 157 0.25 6.05 -26.56
N LEU A 159 0.07 3.92 -28.81
CA LEU A 159 0.45 3.67 -30.18
C LEU A 159 1.16 4.84 -30.83
N ASP A 160 1.52 5.87 -30.06
CA ASP A 160 2.32 6.95 -30.62
C ASP A 160 3.79 6.56 -30.57
N GLY A 162 7.39 6.63 -29.09
CA GLY A 162 7.64 6.61 -27.65
C GLY A 162 7.10 5.36 -26.98
N PHE A 163 6.06 4.73 -27.55
CA PHE A 163 5.54 3.45 -27.08
C PHE A 163 5.23 2.46 -28.18
N ALA A 164 5.05 2.90 -29.43
CA ALA A 164 4.61 2.02 -30.51
C ALA A 164 5.47 0.77 -30.61
N ASP A 165 6.80 0.94 -30.64
CA ASP A 165 7.70 -0.21 -30.78
C ASP A 165 7.65 -1.10 -29.54
N GLN A 166 7.85 -0.54 -28.35
CA GLN A 166 7.72 -1.31 -27.11
C GLN A 166 6.41 -2.09 -27.09
N VAL A 167 5.30 -1.41 -27.40
CA VAL A 167 4.01 -2.09 -27.41
C VAL A 167 3.99 -3.15 -28.51
N GLU A 168 4.53 -2.81 -29.69
CA GLU A 168 4.48 -3.77 -30.79
C GLU A 168 5.20 -5.06 -30.42
N GLU A 169 6.40 -4.95 -29.84
CA GLU A 169 7.13 -6.18 -29.53
C GLU A 169 6.45 -6.98 -28.44
N ILE A 170 5.77 -6.32 -27.49
CA ILE A 170 5.02 -7.07 -26.48
C ILE A 170 3.87 -7.83 -27.14
N LEU A 171 3.08 -7.14 -27.96
CA LEU A 171 1.93 -7.78 -28.58
C LEU A 171 2.34 -8.84 -29.62
N SER A 172 3.53 -8.69 -30.22
CA SER A 172 3.98 -9.68 -31.19
C SER A 172 4.13 -11.06 -30.57
N VAL A 173 4.22 -11.17 -29.23
CA VAL A 173 4.27 -12.47 -28.59
C VAL A 173 2.91 -13.17 -28.67
N ALA A 174 1.81 -12.41 -28.68
CA ALA A 174 0.48 -13.01 -28.67
C ALA A 174 -0.27 -12.90 -29.99
N TYR A 175 0.13 -11.98 -30.85
CA TYR A 175 -0.58 -11.74 -32.09
C TYR A 175 0.24 -12.28 -33.26
N LYS A 176 -0.44 -12.95 -34.18
CA LYS A 176 0.17 -13.38 -35.43
C LYS A 176 -0.71 -12.95 -36.58
N LYS A 177 -0.07 -12.69 -37.74
CA LYS A 177 -0.78 -12.14 -38.89
C LYS A 177 -1.94 -13.05 -39.30
N ASP A 178 -3.08 -12.43 -39.60
CA ASP A 178 -4.19 -13.11 -40.27
C ASP A 178 -4.85 -14.16 -39.38
N SER A 179 -4.96 -13.93 -38.07
CA SER A 179 -5.36 -15.08 -37.29
C SER A 179 -6.59 -14.87 -36.43
N GLU A 180 -7.36 -15.95 -36.32
CA GLU A 180 -8.58 -16.03 -35.56
C GLU A 180 -8.37 -16.61 -34.17
N ASP A 181 -7.15 -16.99 -33.83
CA ASP A 181 -6.81 -17.28 -32.45
C ASP A 181 -6.13 -16.10 -31.75
N ASN A 182 -6.15 -14.91 -32.36
CA ASN A 182 -5.61 -13.72 -31.73
C ASN A 182 -6.52 -13.29 -30.57
N PRO A 183 -5.95 -12.75 -29.51
CA PRO A 183 -6.77 -12.31 -28.37
C PRO A 183 -7.72 -11.20 -28.80
N GLN A 184 -8.77 -11.02 -28.00
CA GLN A 184 -9.67 -9.89 -28.15
C GLN A 184 -8.93 -8.58 -27.90
N THR A 185 -9.10 -7.62 -28.81
CA THR A 185 -8.39 -6.35 -28.72
C THR A 185 -9.36 -5.26 -28.31
N LEU A 186 -9.07 -4.59 -27.18
CA LEU A 186 -9.96 -3.57 -26.60
C LEU A 186 -9.17 -2.29 -26.38
N LEU A 187 -9.66 -1.19 -26.95
CA LEU A 187 -8.89 0.04 -27.11
C LEU A 187 -9.74 1.22 -26.67
N PHE A 188 -9.18 2.08 -25.81
CA PHE A 188 -9.96 3.12 -25.15
C PHE A 188 -9.15 4.39 -25.06
N SER A 189 -9.80 5.52 -25.32
CA SER A 189 -9.18 6.83 -25.04
C SER A 189 -10.25 7.90 -25.10
N ALA A 190 -10.01 8.99 -24.36
CA ALA A 190 -10.76 10.22 -24.54
C ALA A 190 -10.39 10.93 -25.83
N THR A 191 -9.29 10.52 -26.48
CA THR A 191 -8.84 11.18 -27.72
C THR A 191 -8.38 10.07 -28.68
N CYS A 192 -9.25 9.74 -29.64
CA CYS A 192 -9.03 8.66 -30.60
C CYS A 192 -9.08 9.20 -32.03
N PRO A 193 -8.09 9.97 -32.47
CA PRO A 193 -8.14 10.52 -33.85
C PRO A 193 -7.94 9.43 -34.90
N HIS A 194 -8.21 9.81 -36.15
CA HIS A 194 -8.15 8.91 -37.33
C HIS A 194 -6.86 8.09 -37.38
N TRP A 195 -5.73 8.71 -37.09
CA TRP A 195 -4.47 7.96 -37.17
C TRP A 195 -4.47 6.75 -36.22
N VAL A 196 -5.00 6.91 -35.01
CA VAL A 196 -5.02 5.81 -34.01
C VAL A 196 -5.90 4.71 -34.55
N PHE A 197 -7.04 5.06 -35.11
CA PHE A 197 -8.00 4.07 -35.65
C PHE A 197 -7.33 3.29 -36.77
N ASN A 198 -6.60 4.01 -37.61
CA ASN A 198 -5.88 3.40 -38.74
C ASN A 198 -4.84 2.42 -38.23
N VAL A 199 -3.99 2.81 -37.28
CA VAL A 199 -2.95 1.89 -36.70
C VAL A 199 -3.62 0.73 -35.97
N ALA A 200 -4.76 0.98 -35.32
CA ALA A 200 -5.49 0.00 -34.53
C ALA A 200 -5.91 -1.15 -35.43
N LYS A 201 -6.38 -0.85 -36.64
CA LYS A 201 -6.86 -1.93 -37.55
C LYS A 201 -5.86 -3.10 -37.71
N LYS A 202 -4.56 -2.89 -37.59
CA LYS A 202 -3.55 -3.93 -37.70
C LYS A 202 -3.73 -4.99 -36.62
N TYR A 203 -4.15 -4.59 -35.42
CA TYR A 203 -4.35 -5.52 -34.33
C TYR A 203 -5.78 -6.03 -34.24
N LYS A 205 -9.50 -7.70 -35.60
CA LYS A 205 -10.17 -8.56 -36.54
C LYS A 205 -11.10 -7.74 -37.42
N SER A 206 -11.65 -8.41 -38.46
CA SER A 206 -12.59 -7.76 -39.37
C SER A 206 -13.93 -7.43 -38.72
N THR A 207 -14.30 -8.15 -37.66
CA THR A 207 -15.63 -8.08 -37.07
C THR A 207 -15.73 -7.04 -35.94
N TYR A 208 -14.89 -6.00 -35.95
CA TYR A 208 -14.71 -5.15 -34.77
C TYR A 208 -15.85 -4.13 -34.63
N GLU A 209 -16.02 -3.65 -33.41
CA GLU A 209 -17.03 -2.65 -33.07
C GLU A 209 -16.37 -1.31 -32.77
N GLN A 210 -17.13 -0.23 -32.98
CA GLN A 210 -16.71 1.12 -32.64
C GLN A 210 -17.79 1.77 -31.81
N VAL A 211 -17.40 2.43 -30.73
CA VAL A 211 -18.32 3.21 -29.91
C VAL A 211 -17.67 4.57 -29.69
N ASP A 212 -18.33 5.62 -30.17
CA ASP A 212 -17.80 6.99 -30.08
C ASP A 212 -18.86 7.86 -29.42
N LEU A 213 -18.69 8.18 -28.14
CA LEU A 213 -19.67 9.03 -27.45
C LEU A 213 -19.27 10.50 -27.59
N ILE A 214 -18.22 10.81 -28.30
CA ILE A 214 -17.89 12.25 -28.39
C ILE A 214 -18.51 12.78 -29.68
N GLY A 215 -18.21 12.13 -30.80
CA GLY A 215 -18.75 12.49 -32.12
C GLY A 215 -18.06 13.71 -32.70
N LYS A 216 -18.60 14.22 -33.80
CA LYS A 216 -18.10 15.48 -34.39
C LYS A 216 -19.00 16.63 -33.88
N LYS A 217 -18.57 17.87 -34.02
CA LYS A 217 -19.39 19.04 -33.63
C LYS A 217 -19.80 18.98 -32.15
N THR A 218 -18.92 18.52 -31.27
CA THR A 218 -19.14 18.52 -29.82
C THR A 218 -17.80 18.91 -29.17
N GLN A 219 -17.86 19.53 -28.01
CA GLN A 219 -16.59 19.90 -27.34
C GLN A 219 -15.81 18.63 -27.01
N LYS A 220 -14.50 18.69 -27.17
CA LYS A 220 -13.64 17.52 -26.92
C LYS A 220 -13.48 17.26 -25.42
N THR A 221 -13.56 18.30 -24.61
CA THR A 221 -13.28 18.25 -23.18
C THR A 221 -14.53 17.83 -22.42
N ALA A 222 -14.33 17.47 -21.15
CA ALA A 222 -15.44 17.10 -20.27
C ALA A 222 -16.42 18.27 -20.16
N ILE A 223 -17.72 17.95 -20.23
CA ILE A 223 -18.72 19.00 -20.36
C ILE A 223 -18.87 19.81 -19.07
N THR A 224 -18.45 19.27 -17.93
CA THR A 224 -18.61 19.96 -16.66
C THR A 224 -17.37 20.76 -16.24
N VAL A 225 -16.46 21.05 -17.17
CA VAL A 225 -15.24 21.79 -16.86
C VAL A 225 -15.33 23.17 -17.50
N GLU A 226 -15.11 24.20 -16.68
CA GLU A 226 -15.06 25.56 -17.18
C GLU A 226 -13.62 25.94 -17.50
N HIS A 227 -13.41 26.62 -18.62
CA HIS A 227 -12.08 26.94 -19.12
C HIS A 227 -11.86 28.44 -19.03
N LEU A 228 -10.86 28.84 -18.24
CA LEU A 228 -10.47 30.22 -18.05
C LEU A 228 -9.02 30.35 -18.48
N ALA A 229 -8.63 31.58 -18.80
CA ALA A 229 -7.27 31.86 -19.23
C ALA A 229 -6.81 33.14 -18.56
N ILE A 230 -5.53 33.20 -18.23
CA ILE A 230 -4.94 34.35 -17.56
C ILE A 230 -3.65 34.71 -18.30
N LYS A 231 -3.57 35.96 -18.77
CA LYS A 231 -2.37 36.47 -19.41
C LYS A 231 -1.39 36.91 -18.34
N CYS A 232 -0.14 36.46 -18.45
CA CYS A 232 0.83 36.69 -17.40
C CYS A 232 2.21 36.41 -17.94
N HIS A 233 3.15 37.30 -17.63
CA HIS A 233 4.55 37.07 -17.98
C HIS A 233 5.13 35.99 -17.07
N TRP A 234 6.11 35.23 -17.59
CA TRP A 234 6.64 34.13 -16.81
C TRP A 234 7.26 34.59 -15.49
N THR A 235 7.74 35.83 -15.43
CA THR A 235 8.31 36.34 -14.18
C THR A 235 7.27 36.49 -13.08
N GLN A 236 6.01 36.68 -13.45
CA GLN A 236 4.93 36.82 -12.50
C GLN A 236 4.18 35.52 -12.26
N ARG A 237 4.46 34.48 -13.03
CA ARG A 237 3.51 33.36 -13.12
C ARG A 237 3.37 32.65 -11.78
N ALA A 238 4.50 32.38 -11.11
CA ALA A 238 4.43 31.65 -9.84
C ALA A 238 3.57 32.39 -8.81
N ALA A 239 3.75 33.71 -8.68
CA ALA A 239 3.01 34.44 -7.66
C ALA A 239 1.51 34.49 -7.97
N VAL A 240 1.16 34.72 -9.24
CA VAL A 240 -0.25 34.77 -9.61
C VAL A 240 -0.91 33.40 -9.42
N ILE A 241 -0.21 32.32 -9.83
CA ILE A 241 -0.67 30.96 -9.54
C ILE A 241 -0.99 30.80 -8.07
N GLY A 242 -0.10 31.29 -7.20
CA GLY A 242 -0.35 31.18 -5.77
C GLY A 242 -1.63 31.86 -5.34
N ASP A 243 -1.87 33.06 -5.86
CA ASP A 243 -3.13 33.75 -5.56
C ASP A 243 -4.32 33.08 -6.25
N VAL A 244 -4.14 32.56 -7.46
CA VAL A 244 -5.26 31.92 -8.15
C VAL A 244 -5.75 30.72 -7.35
N ILE A 245 -4.84 29.87 -6.89
CA ILE A 245 -5.20 28.68 -6.14
C ILE A 245 -5.98 29.04 -4.87
N ARG A 246 -5.60 30.12 -4.19
CA ARG A 246 -6.26 30.51 -2.95
C ARG A 246 -7.73 30.84 -3.15
N VAL A 247 -8.13 31.25 -4.35
CA VAL A 247 -9.49 31.71 -4.55
C VAL A 247 -10.27 30.87 -5.55
N TYR A 248 -9.61 30.09 -6.41
CA TYR A 248 -10.36 29.30 -7.37
C TYR A 248 -10.47 27.84 -6.97
N SER A 249 -9.84 27.49 -5.87
CA SER A 249 -9.94 26.09 -5.39
C SER A 249 -10.71 26.13 -4.07
N GLY A 250 -11.70 25.27 -3.99
CA GLY A 250 -12.73 25.24 -2.97
C GLY A 250 -12.40 24.57 -1.66
N HIS A 251 -13.48 24.37 -0.90
CA HIS A 251 -13.47 23.78 0.46
C HIS A 251 -13.02 22.34 0.30
N GLN A 252 -11.87 21.97 0.89
CA GLN A 252 -11.22 20.65 0.80
C GLN A 252 -10.92 20.30 -0.67
N GLY A 253 -10.52 21.28 -1.46
CA GLY A 253 -10.25 21.13 -2.90
C GLY A 253 -8.80 20.90 -3.19
N ARG A 254 -8.51 20.11 -4.20
CA ARG A 254 -7.11 19.83 -4.56
C ARG A 254 -6.83 20.45 -5.93
N THR A 255 -5.60 20.87 -6.11
CA THR A 255 -5.23 21.53 -7.36
C THR A 255 -4.08 20.78 -8.02
N ILE A 256 -4.20 20.61 -9.31
CA ILE A 256 -3.03 20.13 -10.09
C ILE A 256 -2.59 21.26 -11.01
N ILE A 257 -1.30 21.54 -10.98
CA ILE A 257 -0.61 22.50 -11.86
C ILE A 257 0.23 21.66 -12.82
N PHE A 258 0.03 21.83 -14.10
CA PHE A 258 0.84 21.09 -15.09
C PHE A 258 1.90 22.03 -15.65
N CYS A 259 3.12 21.52 -15.76
CA CYS A 259 4.21 22.22 -16.42
C CYS A 259 4.83 21.35 -17.50
N GLU A 260 5.57 21.98 -18.41
CA GLU A 260 6.07 21.31 -19.60
C GLU A 260 7.34 20.50 -19.36
N THR A 261 8.12 20.81 -18.32
CA THR A 261 9.39 20.14 -18.06
C THR A 261 9.44 19.64 -16.63
N LYS A 262 10.23 18.59 -16.43
CA LYS A 262 10.55 18.18 -15.06
C LYS A 262 11.24 19.30 -14.29
N LYS A 263 12.07 20.08 -14.97
CA LYS A 263 12.78 21.18 -14.31
C LYS A 263 11.81 22.26 -13.84
N GLU A 264 10.91 22.70 -14.73
CA GLU A 264 9.91 23.68 -14.33
C GLU A 264 9.08 23.18 -13.16
N ALA A 265 8.59 21.93 -13.26
CA ALA A 265 7.70 21.38 -12.23
C ALA A 265 8.38 21.35 -10.86
N GLN A 266 9.62 20.85 -10.81
CA GLN A 266 10.38 20.81 -9.57
C GLN A 266 10.58 22.21 -8.99
N GLU A 267 11.02 23.15 -9.81
CA GLU A 267 11.28 24.51 -9.32
C GLU A 267 9.99 25.20 -8.85
N LEU A 268 8.89 25.02 -9.59
CA LEU A 268 7.64 25.65 -9.14
C LEU A 268 7.20 25.09 -7.79
N SER A 269 7.41 23.78 -7.57
CA SER A 269 7.05 23.20 -6.28
C SER A 269 7.89 23.78 -5.14
N GLN A 270 9.06 24.36 -5.45
CA GLN A 270 9.93 24.98 -4.44
C GLN A 270 9.56 26.43 -4.16
N ASN A 271 9.00 27.10 -5.14
CA ASN A 271 8.68 28.53 -5.03
C ASN A 271 7.77 28.76 -3.84
N SER A 272 8.09 29.79 -3.03
CA SER A 272 7.40 29.98 -1.77
C SER A 272 5.98 30.48 -1.94
N ALA A 273 5.55 30.82 -3.15
CA ALA A 273 4.14 31.09 -3.37
C ALA A 273 3.28 29.84 -3.10
N ILE A 274 3.82 28.65 -3.28
CA ILE A 274 2.97 27.43 -3.13
C ILE A 274 3.67 26.31 -2.37
N LYS A 275 4.96 26.39 -2.10
CA LYS A 275 5.72 25.23 -1.55
C LYS A 275 5.15 24.68 -0.25
N GLN A 276 4.60 25.52 0.61
CA GLN A 276 4.04 25.05 1.89
C GLN A 276 2.92 24.04 1.67
N ASP A 277 2.11 24.15 0.63
CA ASP A 277 1.06 23.12 0.41
C ASP A 277 1.37 22.30 -0.85
N ALA A 278 2.60 22.29 -1.34
CA ALA A 278 2.77 21.63 -2.65
C ALA A 278 3.87 20.58 -2.73
N GLN A 279 3.67 19.58 -3.60
CA GLN A 279 4.65 18.53 -3.90
C GLN A 279 4.74 18.32 -5.41
N SER A 280 5.92 17.93 -5.89
CA SER A 280 6.15 17.70 -7.31
C SER A 280 5.97 16.22 -7.67
N LEU A 281 5.66 15.95 -8.92
CA LEU A 281 5.50 14.58 -9.44
C LEU A 281 5.96 14.57 -10.88
N HIS A 282 7.06 13.87 -11.14
CA HIS A 282 7.66 13.81 -12.46
C HIS A 282 8.66 12.66 -12.46
N GLY A 283 9.18 12.37 -13.65
CA GLY A 283 9.95 11.16 -13.92
C GLY A 283 11.33 11.11 -13.28
N ASP A 284 11.86 12.23 -12.79
CA ASP A 284 13.12 12.18 -12.04
C ASP A 284 12.90 11.99 -10.54
N ILE A 285 11.66 11.93 -10.07
CA ILE A 285 11.40 11.54 -8.68
C ILE A 285 11.52 10.02 -8.56
N PRO A 286 12.24 9.50 -7.58
CA PRO A 286 12.28 8.04 -7.39
C PRO A 286 10.87 7.49 -7.15
N GLN A 287 10.67 6.23 -7.55
CA GLN A 287 9.32 5.70 -7.66
C GLN A 287 8.64 5.62 -6.29
N LYS A 288 9.40 5.24 -5.26
CA LYS A 288 8.82 5.20 -3.92
C LYS A 288 8.28 6.57 -3.52
N GLN A 289 9.01 7.65 -3.85
CA GLN A 289 8.54 8.99 -3.52
C GLN A 289 7.32 9.38 -4.37
N ARG A 290 7.34 9.03 -5.65
CA ARG A 290 6.18 9.24 -6.51
C ARG A 290 4.93 8.63 -5.89
N GLU A 291 5.04 7.40 -5.39
CA GLU A 291 3.85 6.76 -4.86
C GLU A 291 3.42 7.41 -3.54
N ILE A 292 4.38 7.75 -2.68
CA ILE A 292 4.06 8.46 -1.44
C ILE A 292 3.42 9.80 -1.73
N THR A 293 4.03 10.56 -2.65
CA THR A 293 3.47 11.86 -3.03
C THR A 293 2.05 11.72 -3.59
N LEU A 294 1.84 10.80 -4.56
CA LEU A 294 0.48 10.64 -5.08
C LEU A 294 -0.51 10.23 -4.00
N LYS A 295 -0.12 9.30 -3.12
CA LYS A 295 -1.04 8.84 -2.08
C LYS A 295 -1.41 9.98 -1.13
N GLY A 296 -0.42 10.80 -0.75
CA GLY A 296 -0.72 11.96 0.07
C GLY A 296 -1.65 12.94 -0.61
N PHE A 297 -1.47 13.16 -1.92
CA PHE A 297 -2.40 14.02 -2.66
C PHE A 297 -3.79 13.41 -2.67
N ARG A 298 -3.89 12.10 -2.87
CA ARG A 298 -5.21 11.47 -2.86
C ARG A 298 -5.90 11.61 -1.49
N ASN A 299 -5.16 11.42 -0.39
N ASN A 299 -5.15 11.40 -0.41
CA ASN A 299 -5.81 11.46 0.91
CA ASN A 299 -5.73 11.45 0.92
C ASN A 299 -5.76 12.86 1.55
C ASN A 299 -5.91 12.87 1.45
N GLY A 300 -5.28 13.86 0.82
CA GLY A 300 -5.35 15.23 1.30
C GLY A 300 -4.31 15.62 2.33
N SER A 301 -3.13 14.98 2.33
CA SER A 301 -2.02 15.43 3.17
C SER A 301 -1.46 16.77 2.73
N PHE A 302 -1.70 17.15 1.48
CA PHE A 302 -1.32 18.43 0.94
C PHE A 302 -2.28 18.66 -0.22
N GLY A 303 -2.40 19.91 -0.64
CA GLY A 303 -3.49 20.25 -1.54
C GLY A 303 -3.09 20.66 -2.94
N VAL A 304 -1.78 20.69 -3.24
CA VAL A 304 -1.29 21.19 -4.51
C VAL A 304 -0.26 20.21 -5.07
N LEU A 305 -0.53 19.67 -6.24
CA LEU A 305 0.39 18.78 -6.93
C LEU A 305 0.94 19.50 -8.15
N VAL A 306 2.25 19.52 -8.30
CA VAL A 306 2.93 20.12 -9.46
C VAL A 306 3.49 18.98 -10.29
N ALA A 307 3.01 18.83 -11.51
CA ALA A 307 3.29 17.63 -12.27
C ALA A 307 3.68 17.97 -13.70
N THR A 308 4.45 17.09 -14.30
CA THR A 308 4.54 17.01 -15.75
C THR A 308 3.35 16.22 -16.25
N ASN A 309 3.35 15.89 -17.54
CA ASN A 309 2.33 15.04 -18.14
C ASN A 309 2.34 13.59 -17.64
N VAL A 310 3.25 13.22 -16.74
CA VAL A 310 3.10 11.94 -16.06
C VAL A 310 1.73 11.84 -15.36
N ALA A 311 1.13 12.97 -14.99
CA ALA A 311 -0.16 12.97 -14.33
C ALA A 311 -1.28 13.49 -15.23
N ALA A 312 -1.03 13.63 -16.53
CA ALA A 312 -2.01 14.21 -17.43
C ALA A 312 -3.13 13.23 -17.76
N ARG A 313 -2.86 11.93 -17.81
CA ARG A 313 -3.83 10.97 -18.30
C ARG A 313 -4.30 10.02 -17.20
N GLY A 314 -5.60 9.73 -17.21
CA GLY A 314 -6.15 8.60 -16.49
C GLY A 314 -6.35 8.77 -15.00
N LEU A 315 -5.45 9.50 -14.33
CA LEU A 315 -5.49 9.60 -12.88
C LEU A 315 -6.83 10.18 -12.43
N ASP A 316 -7.44 9.53 -11.45
CA ASP A 316 -8.78 9.88 -10.98
C ASP A 316 -8.69 10.28 -9.51
N ILE A 317 -8.71 11.57 -9.24
CA ILE A 317 -8.74 12.11 -7.89
C ILE A 317 -9.97 12.99 -7.77
N PRO A 318 -11.05 12.46 -7.19
CA PRO A 318 -12.35 13.15 -7.25
C PRO A 318 -12.35 14.54 -6.65
N GLU A 319 -11.47 14.79 -5.68
CA GLU A 319 -11.42 16.07 -4.99
C GLU A 319 -10.69 17.14 -5.78
N VAL A 320 -10.08 16.81 -6.93
CA VAL A 320 -9.41 17.84 -7.74
C VAL A 320 -10.50 18.70 -8.36
N ASP A 321 -10.62 19.95 -7.92
CA ASP A 321 -11.60 20.85 -8.49
C ASP A 321 -10.94 21.93 -9.33
N LEU A 322 -9.61 21.97 -9.37
CA LEU A 322 -8.87 23.01 -10.06
C LEU A 322 -7.67 22.41 -10.78
N VAL A 323 -7.60 22.61 -12.08
CA VAL A 323 -6.41 22.30 -12.87
C VAL A 323 -5.82 23.62 -13.36
N ILE A 324 -4.51 23.79 -13.20
CA ILE A 324 -3.83 24.94 -13.77
C ILE A 324 -2.80 24.45 -14.77
N GLN A 325 -2.77 25.06 -15.95
CA GLN A 325 -1.75 24.75 -16.95
C GLN A 325 -0.83 25.94 -17.10
N SER A 326 0.47 25.71 -16.95
CA SER A 326 1.40 26.82 -16.89
C SER A 326 1.56 27.52 -18.25
N SER A 327 1.17 26.86 -19.34
CA SER A 327 1.18 27.45 -20.67
C SER A 327 0.34 26.58 -21.59
N PRO A 328 -0.18 27.13 -22.69
CA PRO A 328 -0.99 26.32 -23.60
C PRO A 328 -0.13 25.27 -24.29
N PRO A 329 -0.52 23.99 -24.25
CA PRO A 329 0.30 22.96 -24.91
C PRO A 329 0.19 23.07 -26.42
N LYS A 330 1.25 22.65 -27.13
CA LYS A 330 1.12 22.61 -28.59
C LYS A 330 0.28 21.42 -29.04
N ASP A 331 0.26 20.33 -28.27
CA ASP A 331 -0.65 19.22 -28.54
C ASP A 331 -1.98 19.44 -27.83
N VAL A 332 -3.06 19.57 -28.62
CA VAL A 332 -4.38 19.77 -28.02
C VAL A 332 -4.77 18.56 -27.18
N GLU A 333 -4.29 17.36 -27.53
CA GLU A 333 -4.54 16.18 -26.71
C GLU A 333 -4.09 16.44 -25.27
N SER A 334 -2.93 17.02 -25.10
CA SER A 334 -2.41 17.31 -23.77
C SER A 334 -3.34 18.25 -23.00
N TYR A 335 -3.85 19.30 -23.65
CA TYR A 335 -4.79 20.18 -22.95
C TYR A 335 -6.03 19.40 -22.53
N ILE A 336 -6.53 18.56 -23.42
CA ILE A 336 -7.78 17.85 -23.16
C ILE A 336 -7.61 16.91 -21.98
N HIS A 337 -6.54 16.12 -21.99
CA HIS A 337 -6.37 15.14 -20.93
C HIS A 337 -6.09 15.83 -19.60
N ARG A 338 -5.21 16.85 -19.60
CA ARG A 338 -4.93 17.60 -18.37
C ARG A 338 -6.18 18.24 -17.79
N SER A 339 -6.94 18.95 -18.63
CA SER A 339 -8.19 19.59 -18.18
C SER A 339 -9.14 18.59 -17.56
N GLY A 340 -9.08 17.34 -18.00
CA GLY A 340 -9.97 16.30 -17.51
C GLY A 340 -9.54 15.65 -16.21
N ARG A 341 -8.42 16.06 -15.59
CA ARG A 341 -8.21 15.64 -14.20
C ARG A 341 -9.26 16.22 -13.25
N THR A 342 -9.96 17.32 -13.63
CA THR A 342 -11.19 17.78 -12.98
C THR A 342 -12.43 17.37 -13.74
N GLY A 343 -13.57 17.69 -13.11
CA GLY A 343 -14.87 17.55 -13.73
C GLY A 343 -15.12 16.11 -14.11
N ARG A 344 -14.88 15.18 -13.19
CA ARG A 344 -15.03 13.77 -13.49
C ARG A 344 -16.36 13.23 -12.92
N ALA A 345 -16.91 12.22 -13.59
CA ALA A 345 -18.11 11.53 -13.13
C ALA A 345 -19.21 12.51 -12.76
N GLY A 346 -19.33 13.59 -13.52
CA GLY A 346 -20.44 14.53 -13.39
C GLY A 346 -20.19 15.71 -12.48
N ARG A 347 -19.11 15.73 -11.73
CA ARG A 347 -18.74 16.91 -10.95
C ARG A 347 -18.30 18.03 -11.86
N THR A 348 -18.45 19.24 -11.36
CA THR A 348 -17.93 20.41 -12.05
C THR A 348 -16.50 20.68 -11.59
N GLY A 349 -15.72 21.30 -12.45
CA GLY A 349 -14.39 21.70 -12.07
C GLY A 349 -14.00 22.86 -12.95
N VAL A 350 -12.84 23.42 -12.67
CA VAL A 350 -12.31 24.58 -13.37
C VAL A 350 -10.91 24.25 -13.88
N CYS A 351 -10.62 24.63 -15.12
CA CYS A 351 -9.27 24.55 -15.65
C CYS A 351 -8.82 25.95 -16.09
N ILE A 352 -7.67 26.40 -15.59
CA ILE A 352 -7.16 27.74 -15.89
C ILE A 352 -5.82 27.60 -16.60
N CYS A 353 -5.75 28.14 -17.81
CA CYS A 353 -4.54 28.05 -18.62
C CYS A 353 -3.85 29.41 -18.54
N PHE A 354 -2.61 29.43 -18.06
CA PHE A 354 -1.82 30.65 -18.15
C PHE A 354 -1.23 30.76 -19.54
N TYR A 355 -0.98 31.99 -19.98
CA TYR A 355 -0.34 32.18 -21.26
C TYR A 355 0.38 33.52 -21.28
N GLN A 356 1.55 33.51 -21.92
CA GLN A 356 2.28 34.72 -22.22
C GLN A 356 1.79 35.29 -23.54
N HIS A 357 2.06 36.59 -23.75
CA HIS A 357 1.60 37.28 -24.95
C HIS A 357 2.01 36.56 -26.22
N LYS A 358 3.23 36.04 -26.26
CA LYS A 358 3.69 35.30 -27.44
C LYS A 358 3.18 33.88 -27.50
N GLU A 359 2.47 33.39 -26.47
CA GLU A 359 1.83 32.09 -26.54
C GLU A 359 0.36 32.19 -26.88
N GLU A 360 -0.13 33.40 -27.15
CA GLU A 360 -1.55 33.57 -27.48
C GLU A 360 -1.95 32.77 -28.71
N TYR A 361 -1.05 32.60 -29.68
CA TYR A 361 -1.39 31.79 -30.84
C TYR A 361 -1.72 30.35 -30.42
N GLN A 362 -0.95 29.79 -29.50
CA GLN A 362 -1.21 28.42 -29.04
C GLN A 362 -2.52 28.34 -28.26
N LEU A 363 -2.82 29.36 -27.45
CA LEU A 363 -4.08 29.38 -26.72
C LEU A 363 -5.25 29.27 -27.69
N VAL A 364 -5.19 30.03 -28.78
CA VAL A 364 -6.27 30.07 -29.75
C VAL A 364 -6.40 28.73 -30.45
N GLN A 365 -5.27 28.07 -30.72
CA GLN A 365 -5.30 26.76 -31.37
C GLN A 365 -5.94 25.69 -30.48
N VAL A 366 -5.63 25.71 -29.17
CA VAL A 366 -6.29 24.81 -28.22
C VAL A 366 -7.80 25.06 -28.22
N GLU A 367 -8.20 26.33 -28.13
CA GLU A 367 -9.61 26.71 -28.21
C GLU A 367 -10.28 26.08 -29.40
N GLN A 368 -9.75 26.36 -30.60
N GLN A 368 -9.74 26.37 -30.60
CA GLN A 368 -10.46 25.96 -31.81
CA GLN A 368 -10.40 25.96 -31.83
C GLN A 368 -10.50 24.44 -31.94
C GLN A 368 -10.49 24.45 -31.92
N LYS A 369 -9.37 23.77 -31.65
CA LYS A 369 -9.32 22.33 -31.85
C LYS A 369 -10.16 21.57 -30.81
N ALA A 370 -10.28 22.10 -29.60
CA ALA A 370 -11.03 21.36 -28.57
C ALA A 370 -12.50 21.74 -28.54
N GLY A 371 -12.90 22.76 -29.31
CA GLY A 371 -14.28 23.19 -29.29
C GLY A 371 -14.68 23.95 -28.05
N ILE A 372 -13.78 24.75 -27.48
CA ILE A 372 -14.07 25.49 -26.25
C ILE A 372 -13.74 26.96 -26.52
N LYS A 373 -14.14 27.81 -25.57
CA LYS A 373 -13.72 29.21 -25.58
C LYS A 373 -13.32 29.60 -24.16
N PHE A 374 -12.09 30.10 -24.01
CA PHE A 374 -11.61 30.55 -22.71
C PHE A 374 -12.26 31.87 -22.32
N LYS A 375 -12.81 31.94 -21.11
CA LYS A 375 -13.08 33.25 -20.50
C LYS A 375 -11.75 33.83 -20.07
N ARG A 376 -11.41 35.02 -20.56
CA ARG A 376 -10.13 35.66 -20.22
C ARG A 376 -10.34 36.49 -18.96
N ILE A 377 -9.85 36.00 -17.83
CA ILE A 377 -10.10 36.65 -16.54
C ILE A 377 -8.88 37.45 -16.15
N SER B 1 -7.84 9.13 35.84
CA SER B 1 -9.04 8.83 36.61
C SER B 1 -8.84 7.64 37.54
N PHE B 2 -7.77 6.87 37.32
CA PHE B 2 -7.57 5.59 38.01
C PHE B 2 -6.43 5.73 39.03
N SER B 3 -6.82 5.80 40.32
CA SER B 3 -5.90 5.54 41.43
C SER B 3 -5.80 4.04 41.72
N ASN B 4 -6.86 3.31 41.46
CA ASN B 4 -6.88 1.86 41.50
C ASN B 4 -7.24 1.34 40.11
N PHE B 5 -6.58 0.25 39.69
CA PHE B 5 -6.93 -0.24 38.37
C PHE B 5 -7.92 -1.39 38.47
N PRO B 6 -8.99 -1.40 37.67
CA PRO B 6 -10.03 -2.47 37.80
C PRO B 6 -9.57 -3.79 37.21
N ILE B 7 -8.66 -4.46 37.91
CA ILE B 7 -8.05 -5.70 37.44
C ILE B 7 -8.40 -6.77 38.44
N SER B 8 -9.14 -7.80 37.99
CA SER B 8 -9.68 -8.82 38.87
C SER B 8 -8.56 -9.59 39.53
N GLU B 9 -8.87 -10.22 40.66
CA GLU B 9 -7.86 -11.06 41.31
C GLU B 9 -7.57 -12.30 40.48
N GLU B 10 -8.51 -12.70 39.61
CA GLU B 10 -8.24 -13.79 38.68
C GLU B 10 -7.17 -13.37 37.67
N THR B 11 -7.32 -12.18 37.08
CA THR B 11 -6.31 -11.69 36.15
C THR B 11 -4.97 -11.48 36.85
N ILE B 12 -4.99 -10.90 38.06
CA ILE B 12 -3.75 -10.72 38.83
C ILE B 12 -2.99 -12.03 38.95
N LYS B 13 -3.69 -13.12 39.26
CA LYS B 13 -3.00 -14.39 39.41
C LYS B 13 -2.43 -14.88 38.08
N LEU B 14 -3.19 -14.73 37.01
CA LEU B 14 -2.63 -15.13 35.72
C LEU B 14 -1.45 -14.23 35.35
N LEU B 15 -1.59 -12.91 35.58
CA LEU B 15 -0.46 -12.02 35.37
C LEU B 15 0.77 -12.46 36.17
N LYS B 16 0.58 -12.84 37.44
CA LYS B 16 1.72 -13.23 38.27
C LYS B 16 2.46 -14.42 37.68
N GLY B 17 1.75 -15.35 37.05
CA GLY B 17 2.42 -16.48 36.40
C GLY B 17 3.21 -16.11 35.16
N ARG B 18 2.95 -14.95 34.58
CA ARG B 18 3.79 -14.45 33.50
C ARG B 18 4.87 -13.51 34.03
N GLY B 19 5.07 -13.45 35.34
CA GLY B 19 6.10 -12.60 35.92
C GLY B 19 5.69 -11.17 36.15
N VAL B 20 4.42 -10.83 36.06
CA VAL B 20 3.96 -9.46 36.21
C VAL B 20 3.55 -9.25 37.66
N THR B 21 4.28 -8.41 38.38
CA THR B 21 3.94 -8.01 39.74
C THR B 21 3.54 -6.53 39.86
N PHE B 22 4.04 -5.67 38.98
CA PHE B 22 3.60 -4.28 38.89
C PHE B 22 3.51 -3.87 37.44
N LEU B 23 2.76 -2.79 37.19
CA LEU B 23 2.58 -2.28 35.83
C LEU B 23 3.76 -1.41 35.41
N PHE B 24 4.19 -1.62 34.15
CA PHE B 24 5.21 -0.82 33.49
C PHE B 24 4.64 0.55 33.15
N PRO B 25 5.50 1.56 32.97
CA PRO B 25 4.99 2.92 32.67
C PRO B 25 3.91 3.00 31.59
N ILE B 26 4.14 2.37 30.41
CA ILE B 26 3.17 2.53 29.32
C ILE B 26 1.83 1.89 29.67
N GLN B 27 1.84 0.86 30.52
CA GLN B 27 0.58 0.26 30.93
C GLN B 27 -0.18 1.16 31.90
N ALA B 28 0.52 1.74 32.87
CA ALA B 28 -0.12 2.62 33.84
C ALA B 28 -0.67 3.87 33.18
N LYS B 29 0.02 4.38 32.16
CA LYS B 29 -0.44 5.61 31.54
C LYS B 29 -1.52 5.40 30.49
N THR B 30 -1.77 4.17 30.03
CA THR B 30 -2.80 3.96 29.02
C THR B 30 -4.04 3.25 29.53
N PHE B 31 -3.96 2.58 30.68
CA PHE B 31 -5.01 1.65 31.07
C PHE B 31 -6.38 2.33 31.06
N HIS B 32 -6.46 3.55 31.59
CA HIS B 32 -7.76 4.22 31.66
C HIS B 32 -8.25 4.65 30.28
N HIS B 33 -7.36 5.21 29.46
CA HIS B 33 -7.74 5.51 28.07
C HIS B 33 -8.36 4.28 27.42
N VAL B 34 -7.70 3.13 27.54
CA VAL B 34 -8.16 1.95 26.81
C VAL B 34 -9.45 1.41 27.42
N TYR B 35 -9.47 1.26 28.74
CA TYR B 35 -10.61 0.70 29.44
C TYR B 35 -11.87 1.56 29.23
N SER B 36 -11.74 2.87 29.37
CA SER B 36 -12.91 3.74 29.27
C SER B 36 -13.46 3.85 27.85
N GLY B 37 -12.69 3.44 26.85
CA GLY B 37 -13.20 3.36 25.49
C GLY B 37 -12.69 4.39 24.53
N LYS B 38 -11.82 5.31 24.96
CA LYS B 38 -11.31 6.32 24.05
C LYS B 38 -10.39 5.70 22.99
N ASP B 39 -10.22 6.42 21.89
CA ASP B 39 -9.21 6.06 20.89
C ASP B 39 -7.83 6.53 21.34
N LEU B 40 -6.80 5.79 20.93
CA LEU B 40 -5.45 6.02 21.47
C LEU B 40 -4.37 5.74 20.43
N ILE B 41 -3.39 6.63 20.33
CA ILE B 41 -2.13 6.32 19.67
C ILE B 41 -1.02 6.46 20.70
N ALA B 42 -0.20 5.41 20.83
CA ALA B 42 0.77 5.31 21.91
C ALA B 42 2.13 4.92 21.35
N GLN B 43 3.18 5.60 21.79
CA GLN B 43 4.55 5.31 21.37
C GLN B 43 5.39 5.12 22.62
N ALA B 44 6.10 4.01 22.67
CA ALA B 44 6.96 3.68 23.80
C ALA B 44 8.06 2.77 23.26
N ARG B 45 9.24 2.89 23.84
CA ARG B 45 10.39 2.18 23.29
C ARG B 45 10.14 0.66 23.25
N THR B 46 10.89 -0.02 22.39
CA THR B 46 10.82 -1.48 22.31
C THR B 46 11.03 -2.09 23.68
N GLY B 47 10.31 -3.17 23.95
CA GLY B 47 10.54 -3.95 25.16
C GLY B 47 9.96 -3.37 26.42
N THR B 48 9.09 -2.36 26.35
CA THR B 48 8.59 -1.70 27.55
C THR B 48 7.15 -2.07 27.89
N GLY B 49 6.56 -3.05 27.19
CA GLY B 49 5.29 -3.61 27.59
C GLY B 49 4.05 -3.12 26.85
N LYS B 50 4.17 -2.74 25.58
CA LYS B 50 3.00 -2.23 24.87
C LYS B 50 1.93 -3.30 24.68
N THR B 51 2.31 -4.58 24.60
CA THR B 51 1.30 -5.63 24.38
C THR B 51 0.30 -5.66 25.51
N PHE B 52 0.77 -5.80 26.74
CA PHE B 52 -0.14 -5.86 27.87
C PHE B 52 -0.86 -4.54 28.07
N SER B 53 -0.31 -3.46 27.51
CA SER B 53 -0.97 -2.18 27.72
C SER B 53 -2.27 -2.06 26.92
N PHE B 54 -2.49 -2.94 25.95
CA PHE B 54 -3.83 -3.06 25.33
C PHE B 54 -4.52 -4.32 25.85
N ALA B 55 -3.81 -5.42 25.95
CA ALA B 55 -4.48 -6.68 26.32
C ALA B 55 -5.14 -6.66 27.70
N ILE B 56 -4.49 -6.13 28.75
CA ILE B 56 -5.10 -6.16 30.10
C ILE B 56 -6.38 -5.34 30.21
N PRO B 57 -6.42 -4.07 29.79
CA PRO B 57 -7.63 -3.29 29.86
C PRO B 57 -8.74 -3.82 28.94
N LEU B 58 -8.41 -4.29 27.73
CA LEU B 58 -9.45 -4.83 26.84
C LEU B 58 -10.07 -6.08 27.46
N ILE B 59 -9.24 -6.93 28.02
CA ILE B 59 -9.75 -8.16 28.68
C ILE B 59 -10.64 -7.77 29.87
N GLU B 60 -10.25 -6.76 30.64
CA GLU B 60 -11.07 -6.33 31.78
C GLU B 60 -12.39 -5.74 31.32
N LYS B 61 -12.38 -5.01 30.22
CA LYS B 61 -13.62 -4.44 29.66
C LYS B 61 -14.53 -5.60 29.26
N LEU B 62 -14.03 -6.57 28.51
CA LEU B 62 -14.82 -7.73 28.04
C LEU B 62 -15.28 -8.57 29.22
N HIS B 63 -14.47 -8.69 30.25
CA HIS B 63 -14.84 -9.48 31.44
C HIS B 63 -16.05 -8.84 32.13
N GLY B 64 -16.13 -7.52 32.15
CA GLY B 64 -17.22 -6.76 32.78
C GLY B 64 -18.55 -6.77 32.03
N GLU B 65 -18.58 -7.23 30.80
CA GLU B 65 -19.86 -7.23 30.08
C GLU B 65 -20.48 -8.61 30.06
N LEU B 66 -21.77 -8.70 29.77
CA LEU B 66 -22.45 -10.02 29.75
C LEU B 66 -21.70 -10.86 28.72
N GLN B 67 -21.36 -12.10 29.10
CA GLN B 67 -20.58 -12.98 28.21
C GLN B 67 -21.34 -14.28 28.06
N ASP B 68 -22.41 -14.26 27.29
CA ASP B 68 -23.03 -15.58 27.05
C ASP B 68 -22.18 -16.12 25.92
N ARG B 69 -21.63 -17.33 26.01
CA ARG B 69 -20.77 -17.75 24.88
C ARG B 69 -21.62 -18.36 23.76
N LYS B 70 -22.41 -17.55 23.07
CA LYS B 70 -23.28 -18.06 21.98
C LYS B 70 -22.35 -18.67 20.95
N ARG B 71 -22.67 -19.86 20.44
CA ARG B 71 -21.78 -20.54 19.47
C ARG B 71 -21.71 -19.75 18.15
N GLY B 72 -20.54 -19.81 17.51
CA GLY B 72 -20.26 -19.09 16.26
C GLY B 72 -20.45 -17.59 16.39
N ARG B 73 -20.15 -17.01 17.56
CA ARG B 73 -20.27 -15.54 17.70
C ARG B 73 -19.10 -14.83 16.97
N ALA B 74 -19.33 -13.58 16.60
CA ALA B 74 -18.36 -12.74 15.89
C ALA B 74 -17.39 -12.10 16.89
N PRO B 75 -16.10 -11.94 16.59
CA PRO B 75 -15.18 -11.34 17.52
C PRO B 75 -15.51 -9.90 17.90
N GLN B 76 -15.28 -9.54 19.16
CA GLN B 76 -15.50 -8.14 19.55
C GLN B 76 -14.17 -7.38 19.46
N VAL B 77 -13.07 -8.10 19.31
CA VAL B 77 -11.74 -7.44 19.27
C VAL B 77 -10.91 -7.93 18.08
N LEU B 78 -10.33 -7.00 17.33
CA LEU B 78 -9.41 -7.35 16.23
C LEU B 78 -8.02 -6.80 16.53
N VAL B 79 -7.01 -7.63 16.35
CA VAL B 79 -5.60 -7.20 16.54
C VAL B 79 -4.82 -7.58 15.30
N LEU B 80 -4.30 -6.59 14.61
CA LEU B 80 -3.49 -6.86 13.43
C LEU B 80 -2.02 -6.66 13.74
N ALA B 81 -1.21 -7.58 13.25
CA ALA B 81 0.24 -7.56 13.39
C ALA B 81 0.86 -7.84 12.03
N PRO B 82 2.13 -7.47 11.83
CA PRO B 82 2.74 -7.59 10.50
C PRO B 82 3.43 -8.91 10.16
N THR B 83 3.66 -9.81 11.12
CA THR B 83 4.20 -11.12 10.78
C THR B 83 3.41 -12.21 11.48
N ARG B 84 3.59 -13.44 11.01
CA ARG B 84 2.87 -14.57 11.58
C ARG B 84 3.34 -14.89 13.01
N GLU B 85 4.65 -14.93 13.21
CA GLU B 85 5.13 -15.26 14.56
C GLU B 85 4.75 -14.19 15.56
N LEU B 86 4.68 -12.92 15.13
CA LEU B 86 4.29 -11.87 16.07
C LEU B 86 2.81 -12.00 16.44
N ALA B 87 1.96 -12.28 15.45
CA ALA B 87 0.55 -12.45 15.75
C ALA B 87 0.33 -13.63 16.70
N ASN B 88 1.10 -14.70 16.52
CA ASN B 88 1.13 -15.80 17.47
C ASN B 88 1.47 -15.31 18.87
N GLN B 89 2.55 -14.53 18.98
CA GLN B 89 3.03 -14.10 20.29
C GLN B 89 1.98 -13.21 20.95
N VAL B 90 1.36 -12.32 20.19
CA VAL B 90 0.37 -11.41 20.76
C VAL B 90 -0.86 -12.18 21.22
N SER B 91 -1.32 -13.16 20.44
CA SER B 91 -2.49 -13.91 20.88
C SER B 91 -2.18 -14.74 22.12
N LYS B 92 -0.96 -15.26 22.21
CA LYS B 92 -0.54 -15.95 23.42
C LYS B 92 -0.65 -15.05 24.65
N ASP B 93 -0.31 -13.76 24.50
CA ASP B 93 -0.39 -12.87 25.66
C ASP B 93 -1.84 -12.69 26.12
N PHE B 94 -2.77 -12.55 25.18
CA PHE B 94 -4.18 -12.49 25.53
C PHE B 94 -4.63 -13.75 26.26
N SER B 95 -4.35 -14.91 25.69
CA SER B 95 -4.93 -16.15 26.21
C SER B 95 -4.23 -16.62 27.47
N ASP B 96 -2.99 -16.21 27.71
CA ASP B 96 -2.33 -16.50 28.97
C ASP B 96 -3.01 -15.81 30.14
N ILE B 97 -3.78 -14.74 29.90
CA ILE B 97 -4.31 -13.90 30.97
C ILE B 97 -5.82 -13.81 30.94
N THR B 98 -6.50 -14.64 30.16
CA THR B 98 -7.94 -14.83 30.34
C THR B 98 -8.30 -16.29 30.09
N LYS B 99 -9.23 -16.79 30.91
CA LYS B 99 -9.78 -18.13 30.73
C LYS B 99 -11.28 -18.08 30.45
N LYS B 100 -11.84 -16.89 30.28
CA LYS B 100 -13.26 -16.75 29.95
C LYS B 100 -13.52 -16.33 28.52
N LEU B 101 -12.49 -15.95 27.75
CA LEU B 101 -12.70 -15.41 26.42
C LEU B 101 -12.01 -16.29 25.39
N SER B 102 -12.63 -16.38 24.22
CA SER B 102 -12.13 -17.17 23.11
C SER B 102 -11.15 -16.34 22.29
N VAL B 103 -9.93 -16.83 22.15
CA VAL B 103 -8.84 -16.13 21.50
C VAL B 103 -8.37 -16.98 20.32
N ALA B 104 -8.38 -16.38 19.12
CA ALA B 104 -7.93 -17.06 17.91
C ALA B 104 -6.88 -16.24 17.18
N CYS B 105 -6.05 -16.96 16.41
CA CYS B 105 -4.94 -16.38 15.68
C CYS B 105 -4.95 -16.90 14.25
N PHE B 106 -5.25 -16.03 13.28
CA PHE B 106 -5.37 -16.43 11.87
C PHE B 106 -4.25 -15.80 11.05
N TYR B 107 -3.44 -16.64 10.42
CA TYR B 107 -2.41 -16.17 9.51
C TYR B 107 -2.21 -17.27 8.47
N GLY B 108 -1.30 -17.02 7.52
CA GLY B 108 -1.14 -17.87 6.37
C GLY B 108 -0.07 -18.93 6.56
N GLY B 109 0.02 -19.82 5.58
CA GLY B 109 0.89 -20.98 5.70
C GLY B 109 0.34 -22.06 6.58
N THR B 110 -0.94 -21.97 6.96
CA THR B 110 -1.62 -22.82 7.91
C THR B 110 -2.84 -23.46 7.27
N PRO B 111 -3.17 -24.70 7.62
CA PRO B 111 -4.43 -25.29 7.16
C PRO B 111 -5.63 -24.44 7.57
N TYR B 112 -6.64 -24.45 6.70
CA TYR B 112 -7.89 -23.74 6.99
C TYR B 112 -8.73 -24.47 8.03
N GLY B 113 -8.55 -25.79 8.14
CA GLY B 113 -9.47 -26.59 8.93
C GLY B 113 -9.61 -26.12 10.35
N GLY B 114 -8.48 -25.98 11.06
CA GLY B 114 -8.52 -25.50 12.42
C GLY B 114 -9.12 -24.10 12.54
N GLN B 115 -8.84 -23.24 11.56
CA GLN B 115 -9.39 -21.89 11.65
C GLN B 115 -10.89 -21.89 11.41
N PHE B 116 -11.37 -22.74 10.49
CA PHE B 116 -12.81 -22.88 10.29
C PHE B 116 -13.49 -23.32 11.58
N GLU B 117 -12.87 -24.25 12.32
CA GLU B 117 -13.47 -24.76 13.55
C GLU B 117 -13.49 -23.69 14.65
N ARG B 118 -12.45 -22.86 14.73
CA ARG B 118 -12.47 -21.78 15.71
C ARG B 118 -13.62 -20.83 15.43
N ARG B 120 -16.37 -21.62 14.13
CA ARG B 120 -17.63 -22.28 14.46
C ARG B 120 -17.92 -22.18 15.95
N ASN B 121 -16.92 -22.41 16.81
CA ASN B 121 -17.15 -22.32 18.25
C ASN B 121 -17.50 -20.90 18.67
N GLY B 122 -16.88 -19.92 18.01
CA GLY B 122 -17.10 -18.52 18.31
C GLY B 122 -15.84 -17.83 18.80
N ILE B 123 -15.65 -16.58 18.36
CA ILE B 123 -14.43 -15.84 18.67
C ILE B 123 -14.79 -14.60 19.45
N ASP B 124 -14.05 -14.34 20.52
CA ASP B 124 -14.11 -13.06 21.23
C ASP B 124 -12.98 -12.12 20.84
N ILE B 125 -11.77 -12.64 20.71
CA ILE B 125 -10.59 -11.84 20.37
C ILE B 125 -9.89 -12.49 19.20
N LEU B 126 -9.73 -11.75 18.11
CA LEU B 126 -9.05 -12.28 16.93
C LEU B 126 -7.79 -11.49 16.67
N VAL B 127 -6.68 -12.21 16.61
CA VAL B 127 -5.36 -11.68 16.29
C VAL B 127 -4.90 -12.36 15.02
N GLY B 128 -4.24 -11.62 14.12
CA GLY B 128 -3.74 -12.26 12.92
C GLY B 128 -3.04 -11.27 12.02
N THR B 129 -2.66 -11.76 10.84
CA THR B 129 -2.03 -11.00 9.78
C THR B 129 -3.04 -10.68 8.68
N PRO B 130 -2.85 -9.60 7.92
CA PRO B 130 -3.92 -9.15 7.01
C PRO B 130 -4.31 -10.16 5.94
N GLY B 131 -3.34 -10.82 5.31
CA GLY B 131 -3.64 -11.73 4.22
C GLY B 131 -4.71 -12.76 4.51
N ARG B 132 -4.49 -13.65 5.49
CA ARG B 132 -5.44 -14.73 5.74
C ARG B 132 -6.76 -14.21 6.30
N ILE B 133 -6.75 -13.09 7.00
CA ILE B 133 -8.00 -12.51 7.58
C ILE B 133 -8.86 -11.93 6.47
N LYS B 134 -8.24 -11.31 5.48
CA LYS B 134 -9.00 -10.76 4.34
C LYS B 134 -9.67 -11.93 3.59
N ASP B 135 -8.94 -13.01 3.43
CA ASP B 135 -9.36 -14.24 2.76
C ASP B 135 -10.59 -14.83 3.46
N HIS B 136 -10.62 -14.85 4.78
CA HIS B 136 -11.81 -15.32 5.53
C HIS B 136 -12.97 -14.35 5.35
N ILE B 137 -12.71 -13.06 5.32
CA ILE B 137 -13.82 -12.09 5.14
C ILE B 137 -14.46 -12.27 3.76
N GLN B 138 -13.65 -12.41 2.71
CA GLN B 138 -14.17 -12.49 1.33
C GLN B 138 -15.00 -13.76 1.12
N ASN B 139 -14.55 -14.88 1.66
CA ASN B 139 -15.26 -16.17 1.53
C ASN B 139 -16.53 -16.22 2.41
N GLY B 140 -16.75 -15.28 3.32
CA GLY B 140 -17.95 -15.24 4.15
C GLY B 140 -17.81 -16.08 5.40
N LYS B 141 -16.67 -16.70 5.61
CA LYS B 141 -16.49 -17.45 6.88
C LYS B 141 -16.34 -16.48 8.06
N LEU B 142 -15.65 -15.36 7.90
CA LEU B 142 -15.37 -14.44 9.05
C LEU B 142 -16.17 -13.15 9.00
N ASP B 143 -16.77 -12.80 10.11
CA ASP B 143 -17.60 -11.60 10.23
C ASP B 143 -16.95 -10.58 11.18
N LEU B 144 -16.74 -9.34 10.75
CA LEU B 144 -16.10 -8.29 11.60
C LEU B 144 -17.00 -7.06 11.73
N THR B 145 -18.27 -7.18 11.38
CA THR B 145 -19.21 -6.07 11.51
C THR B 145 -19.58 -5.79 12.96
N LYS B 146 -19.34 -6.73 13.86
CA LYS B 146 -19.68 -6.53 15.27
C LYS B 146 -18.51 -6.00 16.08
N LEU B 147 -17.36 -5.73 15.46
CA LEU B 147 -16.15 -5.40 16.21
C LEU B 147 -16.34 -4.15 17.05
N LYS B 148 -15.90 -4.22 18.30
CA LYS B 148 -15.93 -3.08 19.20
C LYS B 148 -14.56 -2.49 19.47
N HIS B 149 -13.47 -3.21 19.16
CA HIS B 149 -12.13 -2.71 19.43
C HIS B 149 -11.17 -3.24 18.38
N VAL B 150 -10.39 -2.34 17.81
CA VAL B 150 -9.33 -2.70 16.86
C VAL B 150 -8.00 -2.18 17.37
N VAL B 151 -7.01 -3.06 17.42
CA VAL B 151 -5.64 -2.70 17.74
C VAL B 151 -4.80 -2.89 16.48
N LEU B 152 -4.09 -1.86 16.08
CA LEU B 152 -3.02 -2.02 15.10
C LEU B 152 -1.69 -1.97 15.86
N ASP B 153 -1.07 -3.15 16.03
CA ASP B 153 0.27 -3.24 16.59
C ASP B 153 1.29 -2.97 15.50
N GLU B 154 2.42 -2.36 15.89
CA GLU B 154 3.41 -1.91 14.93
C GLU B 154 2.74 -1.01 13.90
N VAL B 155 2.00 -0.01 14.40
CA VAL B 155 1.06 0.71 13.54
C VAL B 155 1.78 1.30 12.33
N ASP B 156 2.95 1.90 12.54
CA ASP B 156 3.67 2.51 11.43
C ASP B 156 4.01 1.50 10.33
N GLN B 157 4.16 0.21 10.65
CA GLN B 157 4.35 -0.73 9.55
C GLN B 157 3.02 -1.10 8.89
N LEU B 159 0.43 0.70 8.44
CA LEU B 159 -0.06 1.81 7.64
C LEU B 159 0.96 2.34 6.64
N ASP B 160 2.06 1.63 6.44
CA ASP B 160 3.01 1.97 5.40
C ASP B 160 2.58 1.34 4.08
N GLY B 162 3.35 -1.05 2.13
CA GLY B 162 3.20 -2.46 1.89
C GLY B 162 1.92 -3.06 2.45
N PHE B 163 1.38 -2.45 3.51
CA PHE B 163 0.25 -2.99 4.24
C PHE B 163 -0.99 -2.12 4.18
N ALA B 164 -0.86 -0.82 3.92
CA ALA B 164 -1.96 0.12 4.12
C ALA B 164 -3.23 -0.30 3.38
N ASP B 165 -3.12 -0.78 2.14
CA ASP B 165 -4.33 -1.13 1.41
C ASP B 165 -4.99 -2.36 2.01
N GLN B 166 -4.20 -3.41 2.30
CA GLN B 166 -4.71 -4.59 3.01
C GLN B 166 -5.46 -4.19 4.27
N VAL B 167 -4.86 -3.33 5.10
CA VAL B 167 -5.49 -2.95 6.35
C VAL B 167 -6.79 -2.19 6.10
N GLU B 168 -6.77 -1.24 5.15
CA GLU B 168 -7.99 -0.50 4.87
C GLU B 168 -9.10 -1.42 4.39
N GLU B 169 -8.77 -2.38 3.53
CA GLU B 169 -9.78 -3.34 3.05
C GLU B 169 -10.42 -4.09 4.21
N ILE B 170 -9.60 -4.56 5.17
CA ILE B 170 -10.15 -5.28 6.31
C ILE B 170 -11.04 -4.38 7.15
N LEU B 171 -10.57 -3.17 7.44
CA LEU B 171 -11.27 -2.30 8.40
C LEU B 171 -12.52 -1.64 7.83
N SER B 172 -12.70 -1.64 6.51
CA SER B 172 -13.89 -1.03 5.94
C SER B 172 -15.14 -1.88 6.19
N VAL B 173 -14.97 -3.13 6.59
CA VAL B 173 -16.10 -3.94 7.03
C VAL B 173 -16.73 -3.36 8.30
N ALA B 174 -15.95 -2.62 9.11
CA ALA B 174 -16.42 -2.19 10.43
C ALA B 174 -16.43 -0.69 10.66
N TYR B 175 -15.70 0.09 9.86
CA TYR B 175 -15.66 1.53 10.00
C TYR B 175 -16.41 2.19 8.84
N LYS B 176 -17.25 3.17 9.15
CA LYS B 176 -17.78 4.10 8.17
C LYS B 176 -17.37 5.52 8.54
N LYS B 177 -17.17 6.34 7.51
CA LYS B 177 -16.77 7.74 7.67
C LYS B 177 -17.57 8.41 8.78
N ASP B 178 -16.86 8.91 9.80
CA ASP B 178 -17.44 9.82 10.79
C ASP B 178 -18.72 9.28 11.42
N SER B 179 -18.76 8.00 11.70
CA SER B 179 -19.85 7.49 12.51
C SER B 179 -19.49 7.77 13.98
N GLU B 180 -20.21 7.17 14.90
CA GLU B 180 -19.71 7.03 16.27
C GLU B 180 -20.04 5.65 16.81
N ASP B 181 -20.60 4.76 16.00
CA ASP B 181 -20.63 3.33 16.25
C ASP B 181 -19.36 2.65 15.73
N ASN B 182 -18.35 3.43 15.34
CA ASN B 182 -17.09 2.86 14.87
C ASN B 182 -16.33 2.22 16.03
N PRO B 183 -15.53 1.19 15.75
CA PRO B 183 -14.81 0.51 16.83
C PRO B 183 -13.79 1.44 17.49
N GLN B 184 -13.52 1.16 18.76
CA GLN B 184 -12.40 1.80 19.45
C GLN B 184 -11.11 1.48 18.70
N THR B 185 -10.37 2.53 18.35
CA THR B 185 -9.13 2.39 17.60
C THR B 185 -7.94 2.58 18.53
N LEU B 186 -7.03 1.61 18.54
CA LEU B 186 -5.88 1.62 19.44
C LEU B 186 -4.63 1.30 18.63
N LEU B 187 -3.65 2.22 18.64
CA LEU B 187 -2.49 2.14 17.76
C LEU B 187 -1.21 2.24 18.57
N PHE B 188 -0.27 1.32 18.33
CA PHE B 188 0.93 1.19 19.15
C PHE B 188 2.15 0.94 18.28
N SER B 189 3.27 1.57 18.65
CA SER B 189 4.56 1.27 18.04
C SER B 189 5.68 1.96 18.83
N ALA B 190 6.88 1.37 18.78
CA ALA B 190 8.07 2.05 19.27
C ALA B 190 8.48 3.22 18.37
N THR B 191 7.80 3.37 17.25
CA THR B 191 8.29 4.16 16.14
C THR B 191 7.07 4.74 15.43
N CYS B 192 6.73 5.99 15.76
CA CYS B 192 5.53 6.65 15.20
C CYS B 192 5.96 7.92 14.50
N PRO B 193 6.39 7.85 13.24
CA PRO B 193 6.79 9.05 12.50
C PRO B 193 5.60 9.98 12.26
N HIS B 194 5.96 11.20 11.82
CA HIS B 194 5.00 12.28 11.60
C HIS B 194 3.86 11.85 10.68
N TRP B 195 4.18 11.14 9.60
CA TRP B 195 3.18 10.82 8.59
C TRP B 195 2.17 9.77 9.04
N VAL B 196 2.35 9.14 10.21
CA VAL B 196 1.44 8.07 10.61
C VAL B 196 0.04 8.61 10.90
N PHE B 197 -0.06 9.70 11.64
CA PHE B 197 -1.41 10.21 12.02
C PHE B 197 -2.24 10.51 10.79
N ASN B 198 -1.61 11.03 9.74
CA ASN B 198 -2.35 11.39 8.51
C ASN B 198 -3.03 10.15 7.95
N VAL B 199 -2.45 8.99 8.17
CA VAL B 199 -3.13 7.78 7.65
C VAL B 199 -4.02 7.25 8.76
N ALA B 200 -3.66 7.52 10.01
CA ALA B 200 -4.38 7.10 11.24
C ALA B 200 -5.72 7.81 11.43
N LYS B 201 -5.79 9.09 11.04
CA LYS B 201 -6.94 9.99 11.34
C LYS B 201 -8.26 9.42 10.86
N LYS B 202 -8.32 8.75 9.73
CA LYS B 202 -9.64 8.23 9.26
C LYS B 202 -10.26 7.20 10.22
N TYR B 203 -9.43 6.43 10.92
CA TYR B 203 -9.94 5.41 11.86
C TYR B 203 -10.12 6.01 13.24
N LYS B 205 -11.36 9.14 16.10
CA LYS B 205 -12.36 10.20 16.36
C LYS B 205 -11.65 11.53 16.67
N SER B 206 -12.41 12.54 17.05
CA SER B 206 -11.81 13.85 17.40
C SER B 206 -11.45 13.86 18.89
N THR B 207 -11.91 12.85 19.62
CA THR B 207 -11.67 12.75 21.09
C THR B 207 -10.46 11.88 21.40
N TYR B 208 -9.65 11.51 20.41
CA TYR B 208 -8.51 10.59 20.61
C TYR B 208 -7.45 11.13 21.58
N GLU B 209 -6.87 10.21 22.34
CA GLU B 209 -5.77 10.42 23.33
C GLU B 209 -4.42 10.09 22.71
N GLN B 210 -3.38 10.76 23.18
CA GLN B 210 -2.00 10.58 22.68
C GLN B 210 -1.08 10.25 23.86
N VAL B 211 -0.35 9.16 23.78
CA VAL B 211 0.65 8.89 24.83
C VAL B 211 2.01 8.66 24.15
N ASP B 212 2.97 9.52 24.41
CA ASP B 212 4.32 9.40 23.86
C ASP B 212 5.34 9.47 25.00
N LEU B 213 5.95 8.34 25.32
CA LEU B 213 6.95 8.25 26.41
C LEU B 213 8.35 8.48 25.82
N ILE B 214 8.46 8.76 24.54
CA ILE B 214 9.79 9.01 23.99
C ILE B 214 9.96 10.51 23.80
N GLY B 215 9.06 11.12 23.04
CA GLY B 215 9.13 12.57 22.87
C GLY B 215 10.24 12.92 21.91
N LYS B 216 11.07 13.90 22.27
CA LYS B 216 12.10 14.37 21.34
C LYS B 216 13.45 14.55 22.04
N LYS B 217 14.45 14.86 21.22
CA LYS B 217 15.87 15.07 21.59
C LYS B 217 16.45 13.92 22.41
N THR B 218 15.85 12.74 22.29
CA THR B 218 16.16 11.62 23.15
C THR B 218 16.71 10.46 22.32
N GLN B 219 17.16 9.44 23.04
CA GLN B 219 17.48 8.14 22.44
C GLN B 219 16.20 7.43 22.01
N LYS B 220 16.08 7.13 20.70
CA LYS B 220 14.89 6.45 20.20
C LYS B 220 14.92 4.94 20.42
N THR B 221 16.06 4.36 20.79
CA THR B 221 16.14 2.93 21.01
C THR B 221 15.89 2.62 22.47
N ALA B 222 15.75 1.32 22.79
CA ALA B 222 15.69 0.89 24.17
C ALA B 222 16.90 1.45 24.92
N ILE B 223 16.67 2.03 26.09
CA ILE B 223 17.76 2.75 26.74
C ILE B 223 18.73 1.79 27.45
N THR B 224 18.35 0.54 27.65
CA THR B 224 19.24 -0.42 28.28
C THR B 224 20.10 -1.20 27.29
N VAL B 225 20.20 -0.77 26.03
CA VAL B 225 21.00 -1.45 25.01
C VAL B 225 22.24 -0.62 24.72
N GLU B 226 23.41 -1.28 24.72
CA GLU B 226 24.65 -0.62 24.33
C GLU B 226 24.90 -0.81 22.85
N HIS B 227 25.20 0.28 22.13
CA HIS B 227 25.35 0.23 20.67
C HIS B 227 26.84 0.31 20.30
N LEU B 228 27.37 -0.79 19.76
CA LEU B 228 28.73 -0.84 19.23
C LEU B 228 28.73 -0.97 17.72
N ALA B 229 29.80 -0.49 17.09
CA ALA B 229 30.02 -0.60 15.65
C ALA B 229 31.40 -1.20 15.39
N ILE B 230 31.47 -2.13 14.43
CA ILE B 230 32.70 -2.82 14.11
C ILE B 230 32.94 -2.73 12.60
N LYS B 231 34.06 -2.13 12.20
CA LYS B 231 34.36 -2.02 10.78
C LYS B 231 34.95 -3.33 10.28
N CYS B 232 34.42 -3.82 9.17
CA CYS B 232 34.78 -5.15 8.67
C CYS B 232 34.46 -5.23 7.17
N HIS B 233 35.45 -5.62 6.37
CA HIS B 233 35.19 -5.92 4.96
C HIS B 233 34.21 -7.08 4.86
N TRP B 234 33.33 -7.03 3.86
CA TRP B 234 32.29 -8.06 3.75
C TRP B 234 32.88 -9.47 3.62
N THR B 235 34.14 -9.61 3.19
CA THR B 235 34.72 -10.95 3.06
C THR B 235 35.12 -11.53 4.41
N GLN B 236 35.41 -10.69 5.41
CA GLN B 236 35.78 -11.19 6.73
C GLN B 236 34.60 -11.26 7.70
N ARG B 237 33.40 -10.87 7.26
CA ARG B 237 32.31 -10.63 8.20
C ARG B 237 31.87 -11.90 8.92
N ALA B 238 31.67 -12.99 8.17
CA ALA B 238 31.16 -14.21 8.79
C ALA B 238 32.08 -14.69 9.91
N ALA B 239 33.39 -14.74 9.65
CA ALA B 239 34.31 -15.16 10.69
C ALA B 239 34.33 -14.18 11.85
N VAL B 240 34.31 -12.88 11.57
CA VAL B 240 34.38 -11.93 12.68
C VAL B 240 33.09 -11.98 13.49
N ILE B 241 31.96 -12.25 12.83
CA ILE B 241 30.72 -12.52 13.55
C ILE B 241 30.89 -13.67 14.54
N GLY B 242 31.60 -14.72 14.13
CA GLY B 242 31.90 -15.81 15.05
C GLY B 242 32.64 -15.33 16.29
N ASP B 243 33.57 -14.38 16.12
CA ASP B 243 34.33 -13.88 17.26
C ASP B 243 33.47 -13.03 18.19
N VAL B 244 32.61 -12.17 17.62
CA VAL B 244 31.87 -11.27 18.49
C VAL B 244 30.84 -12.06 19.30
N ILE B 245 30.33 -13.17 18.76
CA ILE B 245 29.39 -13.96 19.53
C ILE B 245 30.06 -14.55 20.75
N ARG B 246 31.29 -15.05 20.60
CA ARG B 246 32.01 -15.63 21.74
C ARG B 246 32.26 -14.59 22.82
N VAL B 247 32.56 -13.35 22.41
CA VAL B 247 32.97 -12.33 23.36
C VAL B 247 31.77 -11.66 24.00
N TYR B 248 30.76 -11.29 23.20
CA TYR B 248 29.73 -10.36 23.64
C TYR B 248 28.42 -11.03 24.00
N SER B 249 28.29 -12.34 23.85
CA SER B 249 27.10 -13.05 24.29
C SER B 249 27.52 -14.03 25.36
N GLY B 250 26.79 -14.01 26.48
CA GLY B 250 27.02 -14.98 27.53
C GLY B 250 26.68 -16.40 27.09
N HIS B 251 27.00 -17.35 27.96
CA HIS B 251 26.86 -18.75 27.59
C HIS B 251 25.40 -19.18 27.51
N GLN B 252 24.55 -18.65 28.37
CA GLN B 252 23.11 -18.92 28.28
C GLN B 252 22.38 -17.77 27.59
N GLY B 253 23.10 -16.79 27.07
CA GLY B 253 22.49 -15.78 26.24
C GLY B 253 22.35 -16.22 24.80
N ARG B 254 21.34 -15.67 24.13
CA ARG B 254 21.09 -15.97 22.74
C ARG B 254 21.38 -14.75 21.87
N THR B 255 21.66 -15.00 20.59
CA THR B 255 22.06 -13.98 19.64
C THR B 255 21.12 -13.98 18.44
N ILE B 256 20.74 -12.78 17.97
CA ILE B 256 20.05 -12.62 16.69
C ILE B 256 20.96 -11.83 15.74
N ILE B 257 21.22 -12.39 14.56
CA ILE B 257 21.91 -11.71 13.47
C ILE B 257 20.88 -11.32 12.43
N PHE B 258 20.85 -10.05 12.05
CA PHE B 258 19.96 -9.59 10.99
C PHE B 258 20.73 -9.40 9.68
N CYS B 259 20.16 -9.89 8.58
CA CYS B 259 20.69 -9.70 7.23
C CYS B 259 19.62 -9.06 6.35
N GLU B 260 20.06 -8.37 5.30
CA GLU B 260 19.13 -7.63 4.46
C GLU B 260 18.30 -8.52 3.54
N THR B 261 18.79 -9.72 3.21
CA THR B 261 18.09 -10.60 2.26
C THR B 261 17.88 -11.98 2.87
N LYS B 262 16.86 -12.67 2.36
CA LYS B 262 16.66 -14.07 2.75
C LYS B 262 17.84 -14.92 2.33
N LYS B 263 18.39 -14.65 1.15
CA LYS B 263 19.52 -15.43 0.65
C LYS B 263 20.71 -15.35 1.59
N GLU B 264 21.11 -14.14 1.98
CA GLU B 264 22.27 -14.06 2.87
C GLU B 264 21.97 -14.61 4.26
N ALA B 265 20.73 -14.53 4.72
CA ALA B 265 20.37 -15.14 6.00
C ALA B 265 20.57 -16.65 5.93
N GLN B 266 20.10 -17.30 4.86
CA GLN B 266 20.31 -18.73 4.67
C GLN B 266 21.79 -19.07 4.65
N GLU B 267 22.52 -18.37 3.80
CA GLU B 267 23.96 -18.63 3.59
C GLU B 267 24.75 -18.41 4.87
N LEU B 268 24.46 -17.36 5.61
CA LEU B 268 25.19 -17.05 6.86
C LEU B 268 24.93 -18.16 7.89
N SER B 269 23.69 -18.64 7.93
CA SER B 269 23.27 -19.71 8.86
C SER B 269 24.04 -21.01 8.61
N GLN B 270 24.40 -21.30 7.35
CA GLN B 270 25.15 -22.52 6.98
C GLN B 270 26.66 -22.28 7.06
N ASN B 271 27.08 -21.04 7.25
CA ASN B 271 28.54 -20.74 7.34
C ASN B 271 29.10 -21.43 8.57
N SER B 272 30.28 -22.02 8.44
CA SER B 272 30.98 -22.82 9.47
C SER B 272 31.39 -22.00 10.70
N ALA B 273 31.50 -20.69 10.58
CA ALA B 273 31.82 -19.86 11.77
C ALA B 273 30.74 -20.03 12.83
N ILE B 274 29.47 -20.08 12.44
CA ILE B 274 28.36 -20.22 13.44
C ILE B 274 27.43 -21.40 13.15
N LYS B 275 27.71 -22.23 12.15
CA LYS B 275 26.77 -23.27 11.67
C LYS B 275 26.28 -24.21 12.76
N GLN B 276 27.16 -24.60 13.69
CA GLN B 276 26.82 -25.56 14.75
C GLN B 276 25.68 -25.04 15.65
N ASP B 277 25.70 -23.77 16.01
CA ASP B 277 24.67 -23.24 16.94
C ASP B 277 23.65 -22.38 16.18
N ALA B 278 23.56 -22.47 14.86
CA ALA B 278 22.69 -21.49 14.19
C ALA B 278 21.54 -22.06 13.37
N GLN B 279 20.39 -21.43 13.45
CA GLN B 279 19.26 -21.74 12.56
C GLN B 279 18.86 -20.44 11.85
N SER B 280 18.15 -20.54 10.73
CA SER B 280 17.68 -19.39 9.98
C SER B 280 16.17 -19.19 10.18
N LEU B 281 15.73 -17.97 9.93
CA LEU B 281 14.32 -17.62 10.01
C LEU B 281 14.07 -16.53 8.98
N HIS B 282 13.28 -16.85 7.95
CA HIS B 282 12.93 -15.89 6.92
C HIS B 282 11.76 -16.49 6.13
N GLY B 283 11.26 -15.72 5.16
CA GLY B 283 10.03 -16.06 4.44
C GLY B 283 10.13 -17.23 3.48
N ASP B 284 11.32 -17.72 3.15
CA ASP B 284 11.47 -18.92 2.35
C ASP B 284 11.57 -20.18 3.18
N ILE B 285 11.61 -20.06 4.50
CA ILE B 285 11.34 -21.23 5.35
C ILE B 285 9.84 -21.49 5.31
N PRO B 286 9.40 -22.75 5.11
CA PRO B 286 7.97 -23.04 5.21
C PRO B 286 7.46 -22.78 6.62
N GLN B 287 6.18 -22.40 6.71
CA GLN B 287 5.65 -21.85 7.95
C GLN B 287 5.89 -22.79 9.12
N LYS B 288 5.61 -24.09 8.93
CA LYS B 288 5.70 -25.01 10.06
C LYS B 288 7.12 -25.10 10.61
N GLN B 289 8.12 -24.98 9.74
CA GLN B 289 9.51 -24.97 10.19
C GLN B 289 9.95 -23.61 10.70
N ARG B 290 9.34 -22.52 10.20
CA ARG B 290 9.49 -21.22 10.86
C ARG B 290 9.10 -21.31 12.33
N GLU B 291 7.93 -21.90 12.60
CA GLU B 291 7.45 -21.97 13.97
C GLU B 291 8.34 -22.88 14.82
N ILE B 292 8.71 -24.05 14.30
CA ILE B 292 9.58 -24.95 15.07
C ILE B 292 10.93 -24.30 15.35
N THR B 293 11.46 -23.56 14.38
CA THR B 293 12.72 -22.86 14.62
C THR B 293 12.57 -21.81 15.72
N LEU B 294 11.57 -20.94 15.60
CA LEU B 294 11.41 -19.89 16.60
C LEU B 294 11.14 -20.48 17.98
N LYS B 295 10.21 -21.44 18.04
CA LYS B 295 9.94 -22.12 19.32
C LYS B 295 11.22 -22.66 19.93
N GLY B 296 12.01 -23.40 19.15
CA GLY B 296 13.29 -23.88 19.64
C GLY B 296 14.20 -22.76 20.15
N PHE B 297 14.26 -21.64 19.40
CA PHE B 297 15.04 -20.48 19.85
C PHE B 297 14.52 -19.96 21.19
N ARG B 298 13.20 -19.89 21.35
CA ARG B 298 12.65 -19.37 22.59
C ARG B 298 13.07 -20.22 23.78
N ASN B 299 13.15 -21.53 23.61
CA ASN B 299 13.49 -22.44 24.68
C ASN B 299 14.99 -22.71 24.82
N GLY B 300 15.80 -22.29 23.85
CA GLY B 300 17.22 -22.52 23.93
C GLY B 300 17.75 -23.77 23.25
N SER B 301 17.00 -24.37 22.31
CA SER B 301 17.55 -25.46 21.50
C SER B 301 18.87 -25.07 20.88
N PHE B 302 18.96 -23.85 20.37
CA PHE B 302 20.18 -23.33 19.77
C PHE B 302 20.30 -21.85 20.16
N GLY B 303 21.50 -21.31 20.05
CA GLY B 303 21.76 -20.01 20.62
C GLY B 303 21.97 -18.85 19.66
N VAL B 304 21.89 -19.12 18.35
CA VAL B 304 22.10 -18.11 17.32
C VAL B 304 20.97 -18.23 16.31
N LEU B 305 20.22 -17.15 16.11
CA LEU B 305 19.20 -17.07 15.09
C LEU B 305 19.67 -16.11 14.00
N VAL B 306 19.65 -16.54 12.74
CA VAL B 306 19.95 -15.67 11.61
C VAL B 306 18.66 -15.38 10.87
N ALA B 307 18.28 -14.11 10.82
CA ALA B 307 16.96 -13.74 10.34
C ALA B 307 17.04 -12.51 9.46
N THR B 308 15.98 -12.36 8.65
CA THR B 308 15.64 -11.12 7.97
C THR B 308 14.84 -10.23 8.91
N ASN B 309 14.26 -9.17 8.35
CA ASN B 309 13.40 -8.23 9.11
C ASN B 309 12.09 -8.89 9.49
N VAL B 310 11.93 -10.18 9.23
CA VAL B 310 10.73 -10.93 9.69
C VAL B 310 10.73 -10.95 11.24
N ALA B 311 11.90 -11.05 11.85
CA ALA B 311 12.15 -11.06 13.30
C ALA B 311 12.48 -9.65 13.84
N ALA B 312 12.32 -8.60 13.04
CA ALA B 312 12.72 -7.24 13.46
C ALA B 312 11.76 -6.61 14.46
N ARG B 313 10.46 -6.83 14.30
CA ARG B 313 9.49 -6.17 15.18
C ARG B 313 8.74 -7.11 16.10
N GLY B 314 8.57 -6.68 17.35
CA GLY B 314 7.71 -7.29 18.37
C GLY B 314 8.13 -8.60 19.01
N LEU B 315 8.98 -9.40 18.37
CA LEU B 315 9.33 -10.73 18.92
C LEU B 315 10.03 -10.54 20.26
N ASP B 316 9.53 -11.26 21.24
CA ASP B 316 10.03 -11.17 22.62
C ASP B 316 10.72 -12.45 23.06
N ILE B 317 12.04 -12.42 23.06
CA ILE B 317 12.87 -13.54 23.58
C ILE B 317 13.80 -12.91 24.62
N PRO B 318 13.42 -13.00 25.91
CA PRO B 318 14.13 -12.34 27.01
C PRO B 318 15.61 -12.69 27.15
N GLU B 319 15.97 -13.92 26.73
CA GLU B 319 17.37 -14.42 26.84
C GLU B 319 18.28 -13.78 25.79
N VAL B 320 17.75 -13.13 24.75
CA VAL B 320 18.66 -12.53 23.75
C VAL B 320 19.41 -11.36 24.39
N ASP B 321 20.73 -11.45 24.44
CA ASP B 321 21.63 -10.44 25.04
C ASP B 321 22.48 -9.79 23.96
N LEU B 322 22.36 -10.25 22.73
CA LEU B 322 23.16 -9.65 21.64
C LEU B 322 22.41 -9.65 20.31
N VAL B 323 22.42 -8.51 19.67
CA VAL B 323 21.87 -8.38 18.30
C VAL B 323 23.03 -7.96 17.41
N ILE B 324 23.21 -8.69 16.32
CA ILE B 324 24.19 -8.33 15.32
C ILE B 324 23.42 -7.88 14.09
N GLN B 325 23.82 -6.75 13.53
CA GLN B 325 23.27 -6.30 12.27
C GLN B 325 24.40 -6.37 11.25
N SER B 326 24.16 -7.06 10.15
CA SER B 326 25.28 -7.27 9.24
C SER B 326 25.61 -6.01 8.44
N SER B 327 24.76 -4.99 8.44
CA SER B 327 25.07 -3.70 7.82
C SER B 327 24.14 -2.64 8.41
N PRO B 328 24.50 -1.36 8.33
CA PRO B 328 23.59 -0.30 8.75
C PRO B 328 22.43 -0.14 7.80
N PRO B 329 21.20 -0.39 8.25
CA PRO B 329 20.04 -0.32 7.33
C PRO B 329 19.81 1.08 6.83
N LYS B 330 19.24 1.18 5.62
CA LYS B 330 18.89 2.49 5.08
C LYS B 330 17.73 3.12 5.86
N ASP B 331 16.92 2.29 6.48
CA ASP B 331 15.71 2.72 7.19
C ASP B 331 15.98 2.70 8.70
N VAL B 332 16.02 3.88 9.34
CA VAL B 332 16.39 3.96 10.76
C VAL B 332 15.43 3.15 11.63
N GLU B 333 14.14 3.10 11.24
CA GLU B 333 13.16 2.33 11.98
C GLU B 333 13.58 0.87 12.05
N SER B 334 14.13 0.37 10.95
CA SER B 334 14.66 -0.99 10.92
C SER B 334 15.75 -1.16 11.98
N TYR B 335 16.72 -0.23 12.07
CA TYR B 335 17.75 -0.34 13.11
C TYR B 335 17.15 -0.30 14.52
N ILE B 336 16.18 0.60 14.75
CA ILE B 336 15.65 0.78 16.09
C ILE B 336 14.96 -0.48 16.56
N HIS B 337 14.15 -1.09 15.69
CA HIS B 337 13.38 -2.27 16.07
C HIS B 337 14.27 -3.48 16.23
N ARG B 338 15.19 -3.69 15.27
CA ARG B 338 16.13 -4.80 15.36
C ARG B 338 16.92 -4.75 16.66
N SER B 339 17.49 -3.58 16.97
CA SER B 339 18.30 -3.47 18.18
C SER B 339 17.44 -3.68 19.43
N GLY B 340 16.14 -3.45 19.35
CA GLY B 340 15.29 -3.70 20.49
C GLY B 340 14.91 -5.15 20.68
N ARG B 341 15.45 -6.07 19.86
CA ARG B 341 15.26 -7.49 20.17
C ARG B 341 16.00 -7.89 21.43
N THR B 342 17.04 -7.15 21.82
CA THR B 342 17.67 -7.30 23.13
C THR B 342 17.22 -6.15 24.04
N GLY B 343 17.68 -6.16 25.28
CA GLY B 343 17.31 -5.13 26.23
C GLY B 343 15.82 -5.04 26.51
N ARG B 344 15.16 -6.19 26.74
CA ARG B 344 13.71 -6.20 26.94
C ARG B 344 13.37 -6.14 28.42
N ALA B 345 12.26 -5.46 28.74
CA ALA B 345 11.77 -5.36 30.11
C ALA B 345 12.88 -4.95 31.08
N GLY B 346 13.73 -4.02 30.65
CA GLY B 346 14.77 -3.51 31.52
C GLY B 346 16.06 -4.30 31.58
N ARG B 347 16.19 -5.40 30.85
CA ARG B 347 17.46 -6.11 30.86
C ARG B 347 18.48 -5.37 30.01
N THR B 348 19.75 -5.62 30.30
CA THR B 348 20.84 -5.02 29.54
C THR B 348 21.08 -5.85 28.28
N GLY B 349 21.59 -5.20 27.25
CA GLY B 349 21.82 -5.91 26.00
C GLY B 349 22.80 -5.15 25.16
N VAL B 350 23.34 -5.82 24.15
CA VAL B 350 24.29 -5.20 23.22
C VAL B 350 23.78 -5.37 21.81
N CYS B 351 23.89 -4.31 21.00
CA CYS B 351 23.66 -4.40 19.56
C CYS B 351 24.96 -3.99 18.86
N ILE B 352 25.50 -4.88 18.05
CA ILE B 352 26.72 -4.62 17.29
C ILE B 352 26.32 -4.46 15.83
N CYS B 353 26.64 -3.32 15.24
CA CYS B 353 26.37 -3.10 13.83
C CYS B 353 27.68 -3.20 13.04
N PHE B 354 27.77 -4.19 12.18
CA PHE B 354 28.90 -4.27 11.25
C PHE B 354 28.74 -3.19 10.19
N TYR B 355 29.87 -2.61 9.77
CA TYR B 355 29.83 -1.67 8.66
C TYR B 355 31.14 -1.74 7.89
N GLN B 356 31.02 -1.53 6.58
CA GLN B 356 32.14 -1.34 5.68
C GLN B 356 32.45 0.15 5.58
N HIS B 357 33.70 0.45 5.20
CA HIS B 357 34.10 1.85 5.02
C HIS B 357 33.07 2.60 4.18
N LYS B 358 32.54 1.87 3.21
CA LYS B 358 31.50 2.25 2.29
C LYS B 358 30.13 2.53 2.94
N GLU B 359 29.91 2.12 4.18
CA GLU B 359 28.62 2.28 4.80
C GLU B 359 28.64 3.31 5.91
N GLU B 360 29.80 3.92 6.16
CA GLU B 360 29.93 4.84 7.30
C GLU B 360 28.89 5.93 7.27
N TYR B 361 28.46 6.35 6.06
CA TYR B 361 27.47 7.40 5.96
C TYR B 361 26.13 6.96 6.54
N GLN B 362 25.69 5.75 6.19
CA GLN B 362 24.44 5.24 6.74
C GLN B 362 24.56 4.97 8.23
N LEU B 363 25.75 4.57 8.69
CA LEU B 363 25.97 4.40 10.12
C LEU B 363 25.75 5.72 10.85
N VAL B 364 26.30 6.82 10.31
CA VAL B 364 26.11 8.13 10.93
C VAL B 364 24.66 8.57 10.83
N GLN B 365 23.96 8.21 9.74
CA GLN B 365 22.54 8.50 9.62
C GLN B 365 21.72 7.81 10.72
N VAL B 366 22.00 6.53 10.98
CA VAL B 366 21.37 5.84 12.11
C VAL B 366 21.62 6.60 13.40
N GLU B 367 22.86 7.03 13.63
CA GLU B 367 23.19 7.78 14.84
C GLU B 367 22.35 9.04 14.96
N GLN B 368 22.29 9.84 13.90
CA GLN B 368 21.54 11.09 13.96
C GLN B 368 20.05 10.82 14.17
N LYS B 369 19.47 9.91 13.40
CA LYS B 369 18.02 9.73 13.47
C LYS B 369 17.58 8.90 14.66
N ALA B 370 18.46 8.06 15.24
CA ALA B 370 18.09 7.30 16.43
C ALA B 370 18.58 7.92 17.73
N GLY B 371 19.39 8.97 17.68
CA GLY B 371 19.88 9.56 18.92
C GLY B 371 20.80 8.61 19.66
N ILE B 372 21.77 8.10 18.93
CA ILE B 372 22.65 7.02 19.33
C ILE B 372 24.06 7.50 19.04
N LYS B 373 25.02 7.05 19.83
CA LYS B 373 26.43 7.18 19.42
C LYS B 373 27.12 5.84 19.59
N PHE B 374 27.56 5.28 18.47
CA PHE B 374 28.25 4.01 18.47
C PHE B 374 29.63 4.15 19.11
N LYS B 375 30.01 3.18 19.93
CA LYS B 375 31.41 3.03 20.29
C LYS B 375 32.03 2.05 19.32
N ARG B 376 33.05 2.52 18.62
CA ARG B 376 33.79 1.70 17.68
C ARG B 376 34.61 0.64 18.42
N ILE B 377 34.59 -0.57 17.89
CA ILE B 377 35.42 -1.67 18.38
C ILE B 377 36.01 -2.36 17.16
#